data_1J3H
#
_entry.id   1J3H
#
_cell.length_a   48.776
_cell.length_b   143.601
_cell.length_c   62.809
_cell.angle_alpha   90.00
_cell.angle_beta   105.71
_cell.angle_gamma   90.00
#
_symmetry.space_group_name_H-M   'P 1 21 1'
#
loop_
_entity.id
_entity.type
_entity.pdbx_description
1 polymer 'cAMP-dependent protein kinase, alpha-catalytic subunit'
2 non-polymer (4S)-2-METHYL-2,4-PENTANEDIOL
#
_entity_poly.entity_id   1
_entity_poly.type   'polypeptide(L)'
_entity_poly.pdbx_seq_one_letter_code
;GNAAAAKKGSEQESVKEFLAKAKEDFLKKWETPSQNTAQLDQFDRIKTLGTGSFGRVMLVKHKESGNHYAMKILDKQKVV
KLKQIEHTLNEKRILQAVNFPFLVKLEFSFKDNSNLYMVMEYVAGGEMFSHLRRIGRFSEPHARFYAAQIVLTFEYLHSL
DLIYRDLKPENLLIDQQGYIQVTDFGFAKRVKGRTW(TPO)L(CME)GTPEYLAPEIILSKGYNKAVDWWALGVLIYEMA
AGYPPFFADQPIQIYEKIVSGKVRFPSHFSSDLKDLLRNLLQVDLTKRFGNLKNGVNDIKNHKWFATTDWIAIYQRKVEA
PFIPKFKGPGDTSNFDDYEEEEIRV(SEP)INEKCGKEFTEF
;
_entity_poly.pdbx_strand_id   A,B
#
loop_
_chem_comp.id
_chem_comp.type
_chem_comp.name
_chem_comp.formula
MPD non-polymer (4S)-2-METHYL-2,4-PENTANEDIOL 'C6 H14 O2'
#
# COMPACT_ATOMS: atom_id res chain seq x y z
N GLY A 9 20.51 -0.37 8.68
CA GLY A 9 21.46 0.22 7.69
C GLY A 9 22.82 0.53 8.29
N SER A 10 23.50 1.54 7.73
CA SER A 10 24.83 1.99 8.14
C SER A 10 25.11 1.98 9.66
N GLU A 11 25.08 3.16 10.27
CA GLU A 11 25.29 3.29 11.71
C GLU A 11 23.94 3.13 12.41
N GLN A 12 23.25 2.04 12.05
CA GLN A 12 21.94 1.72 12.62
C GLN A 12 22.07 0.80 13.83
N GLU A 13 23.19 0.97 14.54
CA GLU A 13 23.48 0.20 15.77
C GLU A 13 23.20 1.13 16.96
N SER A 14 23.19 2.43 16.69
CA SER A 14 22.91 3.46 17.70
C SER A 14 21.48 3.31 18.20
N VAL A 15 20.80 2.27 17.74
CA VAL A 15 19.45 1.99 18.19
C VAL A 15 19.63 0.97 19.32
N LYS A 16 20.39 -0.10 19.09
CA LYS A 16 20.66 -1.12 20.12
C LYS A 16 21.32 -0.45 21.34
N GLU A 17 21.86 0.75 21.10
CA GLU A 17 22.53 1.54 22.13
C GLU A 17 21.59 2.56 22.78
N PHE A 18 20.54 2.94 22.06
CA PHE A 18 19.56 3.88 22.62
C PHE A 18 18.69 3.07 23.55
N LEU A 19 18.38 1.86 23.10
CA LEU A 19 17.55 0.94 23.85
C LEU A 19 18.23 0.50 25.14
N ALA A 20 19.55 0.64 25.20
CA ALA A 20 20.31 0.23 26.40
C ALA A 20 20.34 1.29 27.51
N LYS A 21 20.33 2.57 27.15
CA LYS A 21 20.34 3.64 28.15
C LYS A 21 18.93 3.79 28.76
N ALA A 22 17.93 3.76 27.88
CA ALA A 22 16.54 3.86 28.29
C ALA A 22 16.26 2.76 29.35
N LYS A 23 16.95 1.64 29.19
CA LYS A 23 16.82 0.52 30.11
C LYS A 23 17.44 0.90 31.46
N GLU A 24 18.72 1.28 31.43
CA GLU A 24 19.42 1.69 32.64
C GLU A 24 18.72 2.91 33.22
N ASP A 25 17.85 3.53 32.44
CA ASP A 25 17.09 4.70 32.89
C ASP A 25 15.76 4.30 33.53
N PHE A 26 15.21 3.16 33.11
CA PHE A 26 13.96 2.60 33.61
C PHE A 26 14.19 1.85 34.91
N LEU A 27 15.08 0.85 34.88
CA LEU A 27 15.36 0.05 36.08
C LEU A 27 15.71 0.91 37.30
N LYS A 28 16.45 1.98 37.06
CA LYS A 28 16.86 2.90 38.11
C LYS A 28 15.61 3.50 38.76
N LYS A 29 14.68 3.91 37.92
CA LYS A 29 13.43 4.50 38.38
C LYS A 29 12.51 3.38 38.88
N TRP A 30 12.72 2.18 38.36
CA TRP A 30 11.92 1.02 38.73
C TRP A 30 12.32 0.46 40.08
N GLU A 31 13.61 0.56 40.39
CA GLU A 31 14.16 0.05 41.65
C GLU A 31 13.78 0.97 42.81
N THR A 32 13.86 2.26 42.57
CA THR A 32 13.55 3.25 43.58
C THR A 32 12.65 4.30 42.95
N PRO A 33 11.35 3.97 42.81
CA PRO A 33 10.32 4.83 42.23
C PRO A 33 10.03 6.10 43.01
N SER A 34 9.75 7.16 42.27
CA SER A 34 9.47 8.45 42.86
C SER A 34 8.08 8.50 43.47
N GLN A 35 7.99 9.08 44.67
CA GLN A 35 6.73 9.22 45.40
C GLN A 35 6.57 10.68 45.81
N ASN A 36 5.31 11.09 45.99
CA ASN A 36 4.96 12.46 46.41
C ASN A 36 5.82 13.54 45.78
N THR A 37 5.69 13.75 44.48
CA THR A 37 6.50 14.78 43.86
C THR A 37 5.79 16.12 43.83
N ALA A 38 4.63 16.15 44.47
CA ALA A 38 3.82 17.37 44.57
C ALA A 38 2.70 17.16 45.59
N GLN A 39 1.88 18.19 45.80
CA GLN A 39 0.73 18.10 46.72
C GLN A 39 -0.44 18.95 46.23
N LEU A 40 -1.65 18.59 46.68
CA LEU A 40 -2.88 19.25 46.23
C LEU A 40 -2.90 20.78 46.16
N ASP A 41 -2.55 21.44 47.26
CA ASP A 41 -2.55 22.92 47.33
C ASP A 41 -1.45 23.61 46.50
N GLN A 42 -0.87 22.88 45.55
CA GLN A 42 0.18 23.41 44.66
C GLN A 42 -0.40 23.69 43.27
N PHE A 43 -1.63 23.21 43.06
CA PHE A 43 -2.30 23.38 41.79
C PHE A 43 -3.61 24.14 41.96
N ASP A 44 -4.02 24.83 40.90
CA ASP A 44 -5.26 25.60 40.86
C ASP A 44 -6.30 24.79 40.06
N ARG A 45 -7.29 24.24 40.78
CA ARG A 45 -8.35 23.42 40.18
C ARG A 45 -9.22 24.20 39.19
N ILE A 46 -8.93 24.03 37.89
CA ILE A 46 -9.65 24.72 36.80
C ILE A 46 -11.07 24.21 36.52
N LYS A 47 -11.20 22.95 36.11
CA LYS A 47 -12.51 22.38 35.79
C LYS A 47 -12.54 20.88 36.04
N THR A 48 -13.71 20.26 35.85
CA THR A 48 -13.85 18.82 36.04
C THR A 48 -14.02 18.11 34.69
N LEU A 49 -12.91 17.61 34.16
CA LEU A 49 -12.89 16.92 32.87
C LEU A 49 -13.80 15.70 32.79
N GLY A 50 -14.25 15.22 33.95
CA GLY A 50 -15.13 14.07 33.97
C GLY A 50 -14.88 13.13 35.12
N THR A 51 -15.92 12.41 35.53
CA THR A 51 -15.84 11.46 36.63
C THR A 51 -15.79 10.01 36.13
N GLY A 52 -14.73 9.31 36.50
CA GLY A 52 -14.54 7.92 36.12
C GLY A 52 -15.11 6.99 37.17
N SER A 53 -14.53 5.79 37.28
CA SER A 53 -15.00 4.78 38.23
C SER A 53 -14.43 4.93 39.65
N PHE A 54 -13.12 5.13 39.73
CA PHE A 54 -12.44 5.28 41.01
C PHE A 54 -12.66 6.69 41.54
N GLY A 55 -12.62 7.64 40.63
CA GLY A 55 -12.79 9.03 41.01
C GLY A 55 -12.81 9.91 39.79
N ARG A 56 -12.89 11.20 40.01
CA ARG A 56 -12.94 12.17 38.92
C ARG A 56 -11.59 12.63 38.41
N VAL A 57 -11.64 13.29 37.25
CA VAL A 57 -10.47 13.84 36.60
C VAL A 57 -10.71 15.33 36.54
N MET A 58 -9.72 16.12 36.97
CA MET A 58 -9.86 17.56 36.96
C MET A 58 -8.75 18.28 36.22
N LEU A 59 -9.11 19.23 35.37
CA LEU A 59 -8.12 20.02 34.66
C LEU A 59 -7.54 20.91 35.73
N VAL A 60 -6.22 20.92 35.88
CA VAL A 60 -5.55 21.74 36.90
C VAL A 60 -4.45 22.63 36.32
N LYS A 61 -4.10 23.69 37.05
CA LYS A 61 -3.05 24.62 36.62
C LYS A 61 -1.99 24.74 37.69
N HIS A 62 -0.81 24.22 37.41
CA HIS A 62 0.30 24.28 38.36
C HIS A 62 0.64 25.72 38.70
N LYS A 63 0.20 26.16 39.89
CA LYS A 63 0.40 27.52 40.38
C LYS A 63 1.73 28.14 39.95
N GLU A 64 2.83 27.44 40.21
CA GLU A 64 4.18 27.91 39.85
C GLU A 64 4.41 28.09 38.34
N SER A 65 4.57 26.98 37.62
CA SER A 65 4.81 27.03 36.18
C SER A 65 3.64 27.58 35.37
N GLY A 66 2.44 27.52 35.93
CA GLY A 66 1.27 28.01 35.23
C GLY A 66 0.87 27.05 34.13
N ASN A 67 1.35 25.80 34.29
CA ASN A 67 1.10 24.71 33.35
C ASN A 67 -0.24 24.02 33.55
N HIS A 68 -0.69 23.34 32.50
CA HIS A 68 -1.95 22.61 32.54
C HIS A 68 -1.74 21.10 32.55
N TYR A 69 -2.33 20.45 33.55
CA TYR A 69 -2.23 18.99 33.70
C TYR A 69 -3.61 18.35 33.94
N ALA A 70 -3.68 17.04 33.73
CA ALA A 70 -4.91 16.29 33.92
C ALA A 70 -4.78 15.43 35.18
N MET A 71 -5.20 15.99 36.31
CA MET A 71 -5.12 15.28 37.58
C MET A 71 -6.21 14.23 37.75
N LYS A 72 -5.80 12.97 37.82
CA LYS A 72 -6.74 11.88 37.99
C LYS A 72 -6.80 11.53 39.47
N ILE A 73 -7.85 12.02 40.11
CA ILE A 73 -8.07 11.75 41.51
C ILE A 73 -8.75 10.39 41.58
N LEU A 74 -8.19 9.48 42.36
CA LEU A 74 -8.78 8.16 42.51
C LEU A 74 -8.84 7.75 43.97
N ASP A 75 -10.08 7.77 44.49
CA ASP A 75 -10.44 7.46 45.88
C ASP A 75 -9.82 6.18 46.39
N LYS A 76 -9.03 6.31 47.46
CA LYS A 76 -8.34 5.17 48.04
C LYS A 76 -9.27 4.07 48.48
N GLN A 77 -10.26 4.43 49.29
CA GLN A 77 -11.23 3.44 49.77
C GLN A 77 -12.00 2.80 48.60
N LYS A 78 -12.57 3.63 47.73
CA LYS A 78 -13.32 3.16 46.57
C LYS A 78 -12.51 2.21 45.70
N VAL A 79 -11.21 2.47 45.55
CA VAL A 79 -10.33 1.63 44.75
C VAL A 79 -10.27 0.22 45.33
N VAL A 80 -10.05 0.14 46.64
CA VAL A 80 -9.96 -1.12 47.36
C VAL A 80 -11.28 -1.88 47.26
N LYS A 81 -12.39 -1.16 47.43
CA LYS A 81 -13.73 -1.73 47.33
C LYS A 81 -13.97 -2.32 45.94
N LEU A 82 -13.51 -1.61 44.91
CA LEU A 82 -13.64 -2.08 43.53
C LEU A 82 -12.67 -3.24 43.29
N LYS A 83 -11.89 -3.57 44.31
CA LYS A 83 -10.92 -4.66 44.28
C LYS A 83 -9.77 -4.49 43.26
N GLN A 84 -9.13 -3.32 43.29
CA GLN A 84 -8.03 -3.03 42.37
C GLN A 84 -6.83 -2.30 43.00
N ILE A 85 -6.37 -2.80 44.15
CA ILE A 85 -5.23 -2.17 44.82
C ILE A 85 -3.96 -2.36 43.99
N GLU A 86 -3.71 -3.61 43.57
CA GLU A 86 -2.53 -4.00 42.77
C GLU A 86 -2.48 -3.36 41.37
N HIS A 87 -3.56 -3.49 40.62
CA HIS A 87 -3.70 -2.93 39.28
C HIS A 87 -3.35 -1.44 39.26
N THR A 88 -3.71 -0.76 40.34
CA THR A 88 -3.46 0.67 40.50
C THR A 88 -1.99 0.98 40.79
N LEU A 89 -1.43 0.25 41.75
CA LEU A 89 -0.06 0.40 42.17
C LEU A 89 0.91 0.13 41.03
N ASN A 90 0.58 -0.92 40.28
CA ASN A 90 1.38 -1.33 39.15
C ASN A 90 1.33 -0.27 38.03
N GLU A 91 0.15 0.27 37.74
CA GLU A 91 0.06 1.27 36.70
C GLU A 91 0.87 2.52 37.05
N LYS A 92 0.96 2.84 38.34
CA LYS A 92 1.72 4.01 38.74
C LYS A 92 3.22 3.69 38.71
N ARG A 93 3.58 2.45 39.02
CA ARG A 93 4.98 2.08 38.99
C ARG A 93 5.53 2.08 37.56
N ILE A 94 4.73 1.62 36.61
CA ILE A 94 5.20 1.61 35.25
C ILE A 94 5.33 3.04 34.75
N LEU A 95 4.23 3.79 34.82
CA LEU A 95 4.22 5.17 34.32
C LEU A 95 5.34 6.06 34.82
N GLN A 96 5.72 5.85 36.06
CA GLN A 96 6.75 6.63 36.71
C GLN A 96 8.18 6.33 36.19
N ALA A 97 8.42 5.09 35.80
CA ALA A 97 9.75 4.67 35.28
C ALA A 97 9.93 4.82 33.75
N VAL A 98 8.83 4.74 33.04
CA VAL A 98 8.79 4.83 31.60
C VAL A 98 9.03 6.26 31.08
N ASN A 99 9.54 6.37 29.85
CA ASN A 99 9.79 7.69 29.24
C ASN A 99 10.00 7.60 27.74
N PHE A 100 8.98 7.97 26.98
CA PHE A 100 9.03 7.88 25.53
C PHE A 100 8.00 8.82 24.90
N PRO A 101 8.40 9.51 23.82
CA PRO A 101 7.57 10.46 23.08
C PRO A 101 6.09 10.13 22.85
N PHE A 102 5.76 8.85 22.63
CA PHE A 102 4.35 8.52 22.39
C PHE A 102 3.62 7.87 23.56
N LEU A 103 4.10 8.18 24.77
CA LEU A 103 3.51 7.68 26.02
C LEU A 103 3.18 8.89 26.89
N VAL A 104 2.00 8.87 27.48
CA VAL A 104 1.58 9.98 28.35
C VAL A 104 2.57 10.12 29.51
N LYS A 105 2.92 11.36 29.84
CA LYS A 105 3.87 11.60 30.92
C LYS A 105 3.15 11.70 32.26
N LEU A 106 3.66 10.98 33.27
CA LEU A 106 3.07 11.08 34.60
C LEU A 106 3.96 12.11 35.30
N GLU A 107 3.56 13.38 35.18
CA GLU A 107 4.27 14.52 35.72
C GLU A 107 4.48 14.56 37.23
N PHE A 108 3.42 14.28 37.98
CA PHE A 108 3.48 14.31 39.45
C PHE A 108 2.63 13.18 40.03
N SER A 109 2.97 12.73 41.23
CA SER A 109 2.24 11.64 41.87
C SER A 109 2.30 11.74 43.38
N PHE A 110 1.15 11.97 44.03
CA PHE A 110 1.13 12.10 45.49
C PHE A 110 -0.12 11.54 46.15
N LYS A 111 -0.20 11.67 47.46
CA LYS A 111 -1.34 11.16 48.20
C LYS A 111 -1.63 11.87 49.53
N ASP A 112 -2.70 11.42 50.18
CA ASP A 112 -3.14 11.94 51.48
C ASP A 112 -3.93 10.87 52.24
N ASN A 113 -4.90 11.29 53.04
CA ASN A 113 -5.67 10.35 53.84
C ASN A 113 -6.84 9.69 53.12
N SER A 114 -7.42 10.37 52.14
CA SER A 114 -8.57 9.84 51.42
C SER A 114 -8.37 9.33 49.99
N ASN A 115 -7.43 9.91 49.26
CA ASN A 115 -7.20 9.47 47.88
C ASN A 115 -5.80 9.66 47.26
N LEU A 116 -5.59 8.96 46.15
CA LEU A 116 -4.33 8.99 45.40
C LEU A 116 -4.48 9.96 44.24
N TYR A 117 -3.40 10.61 43.85
CA TYR A 117 -3.47 11.56 42.74
C TYR A 117 -2.38 11.28 41.70
N MET A 118 -2.75 11.45 40.44
CA MET A 118 -1.82 11.23 39.34
C MET A 118 -1.95 12.38 38.34
N VAL A 119 -1.00 13.31 38.37
CA VAL A 119 -1.07 14.42 37.42
C VAL A 119 -0.46 14.01 36.07
N MET A 120 -1.30 13.98 35.04
CA MET A 120 -0.84 13.61 33.71
C MET A 120 -0.64 14.83 32.82
N GLU A 121 0.02 14.62 31.70
CA GLU A 121 0.26 15.66 30.71
C GLU A 121 -1.09 15.76 30.03
N TYR A 122 -1.64 16.95 29.95
CA TYR A 122 -2.95 17.15 29.33
C TYR A 122 -2.94 17.22 27.82
N VAL A 123 -3.81 16.43 27.20
CA VAL A 123 -3.94 16.40 25.75
C VAL A 123 -5.39 16.65 25.35
N ALA A 124 -5.60 17.52 24.37
CA ALA A 124 -6.96 17.84 23.93
C ALA A 124 -7.47 17.01 22.74
N GLY A 125 -6.55 16.38 22.02
CA GLY A 125 -6.92 15.59 20.86
C GLY A 125 -8.18 14.73 20.87
N GLY A 126 -8.16 13.62 21.61
CA GLY A 126 -9.32 12.74 21.68
C GLY A 126 -8.92 11.33 21.31
N GLU A 127 -9.75 10.34 21.63
CA GLU A 127 -9.48 8.93 21.34
C GLU A 127 -9.56 8.56 19.83
N MET A 128 -8.67 7.67 19.40
CA MET A 128 -8.60 7.22 18.02
C MET A 128 -9.91 6.62 17.56
N PHE A 129 -10.57 5.92 18.48
CA PHE A 129 -11.88 5.29 18.23
C PHE A 129 -12.85 6.32 17.66
N SER A 130 -12.90 7.48 18.32
CA SER A 130 -13.75 8.58 17.93
C SER A 130 -13.36 9.07 16.56
N HIS A 131 -12.11 9.50 16.41
CA HIS A 131 -11.65 9.98 15.11
C HIS A 131 -11.92 8.93 14.02
N LEU A 132 -11.79 7.66 14.35
CA LEU A 132 -12.02 6.63 13.36
C LEU A 132 -13.47 6.59 12.88
N ARG A 133 -14.42 6.71 13.80
CA ARG A 133 -15.84 6.69 13.45
C ARG A 133 -16.23 7.93 12.65
N ARG A 134 -15.58 9.04 12.96
CA ARG A 134 -15.86 10.29 12.27
C ARG A 134 -15.32 10.27 10.84
N ILE A 135 -14.00 10.08 10.71
CA ILE A 135 -13.36 10.06 9.41
C ILE A 135 -13.72 8.81 8.58
N GLY A 136 -14.08 7.72 9.25
CA GLY A 136 -14.43 6.50 8.52
C GLY A 136 -13.26 5.55 8.41
N ARG A 137 -12.40 5.81 7.44
CA ARG A 137 -11.18 5.01 7.23
C ARG A 137 -10.05 5.99 6.97
N PHE A 138 -8.81 5.54 7.16
CA PHE A 138 -7.66 6.40 6.95
C PHE A 138 -6.90 6.04 5.69
N SER A 139 -6.19 7.04 5.16
CA SER A 139 -5.36 6.90 3.98
C SER A 139 -4.21 5.98 4.40
N GLU A 140 -3.74 5.11 3.51
CA GLU A 140 -2.64 4.23 3.89
C GLU A 140 -1.48 5.01 4.49
N PRO A 141 -1.09 6.14 3.85
CA PRO A 141 0.02 6.95 4.38
C PRO A 141 -0.31 7.60 5.74
N HIS A 142 -1.61 7.66 6.07
CA HIS A 142 -2.08 8.21 7.37
C HIS A 142 -1.98 7.15 8.46
N ALA A 143 -2.50 5.95 8.18
CA ALA A 143 -2.41 4.85 9.13
C ALA A 143 -0.94 4.53 9.37
N ARG A 144 -0.15 4.58 8.30
CA ARG A 144 1.29 4.33 8.36
C ARG A 144 1.95 5.25 9.37
N PHE A 145 1.47 6.48 9.39
CA PHE A 145 1.98 7.50 10.32
C PHE A 145 1.75 7.05 11.74
N TYR A 146 0.55 6.56 12.00
CA TYR A 146 0.20 6.09 13.33
C TYR A 146 0.91 4.80 13.68
N ALA A 147 0.85 3.84 12.76
CA ALA A 147 1.47 2.56 13.00
C ALA A 147 2.94 2.75 13.36
N ALA A 148 3.58 3.70 12.69
CA ALA A 148 4.99 3.97 12.94
C ALA A 148 5.22 4.25 14.41
N GLN A 149 4.39 5.13 14.97
CA GLN A 149 4.51 5.51 16.37
C GLN A 149 4.24 4.33 17.28
N ILE A 150 3.28 3.48 16.89
CA ILE A 150 2.98 2.30 17.70
C ILE A 150 4.15 1.34 17.68
N VAL A 151 4.74 1.17 16.52
CA VAL A 151 5.91 0.28 16.33
C VAL A 151 7.07 0.72 17.21
N LEU A 152 7.33 2.03 17.20
CA LEU A 152 8.40 2.57 18.01
C LEU A 152 8.17 2.32 19.51
N THR A 153 7.03 2.76 20.06
CA THR A 153 6.76 2.54 21.47
C THR A 153 6.78 1.07 21.89
N PHE A 154 6.36 0.17 21.01
CA PHE A 154 6.41 -1.26 21.38
C PHE A 154 7.84 -1.74 21.43
N GLU A 155 8.69 -1.12 20.62
CA GLU A 155 10.09 -1.45 20.60
C GLU A 155 10.63 -0.95 21.95
N TYR A 156 10.21 0.25 22.35
CA TYR A 156 10.65 0.83 23.62
C TYR A 156 10.21 -0.03 24.76
N LEU A 157 8.90 -0.28 24.80
CA LEU A 157 8.30 -1.10 25.85
C LEU A 157 8.95 -2.45 25.94
N HIS A 158 8.90 -3.21 24.85
CA HIS A 158 9.49 -4.55 24.84
C HIS A 158 10.96 -4.61 25.27
N SER A 159 11.72 -3.57 24.99
CA SER A 159 13.12 -3.52 25.40
C SER A 159 13.17 -3.63 26.93
N LEU A 160 12.15 -3.08 27.57
CA LEU A 160 12.04 -3.05 29.00
C LEU A 160 11.37 -4.27 29.57
N ASP A 161 11.04 -5.23 28.71
CA ASP A 161 10.35 -6.46 29.13
C ASP A 161 8.91 -6.20 29.58
N LEU A 162 8.29 -5.20 28.96
CA LEU A 162 6.93 -4.84 29.28
C LEU A 162 5.97 -5.27 28.18
N ILE A 163 4.94 -6.01 28.58
CA ILE A 163 3.92 -6.43 27.63
C ILE A 163 2.72 -5.50 27.84
N TYR A 164 2.43 -4.69 26.82
CA TYR A 164 1.32 -3.75 26.92
C TYR A 164 -0.02 -4.51 27.00
N ARG A 165 -0.19 -5.48 26.10
CA ARG A 165 -1.37 -6.30 26.00
C ARG A 165 -2.74 -5.60 26.17
N ASP A 166 -2.91 -4.48 25.47
CA ASP A 166 -4.16 -3.75 25.53
C ASP A 166 -4.22 -2.73 24.40
N LEU A 167 -3.56 -3.05 23.28
CA LEU A 167 -3.59 -2.11 22.15
C LEU A 167 -4.98 -2.16 21.52
N LYS A 168 -5.54 -0.98 21.35
CA LYS A 168 -6.88 -0.77 20.74
C LYS A 168 -7.08 0.74 20.58
N PRO A 169 -7.86 1.16 19.57
CA PRO A 169 -8.13 2.59 19.32
C PRO A 169 -8.49 3.48 20.51
N GLU A 170 -9.17 2.94 21.51
CA GLU A 170 -9.53 3.74 22.68
C GLU A 170 -8.33 4.17 23.53
N ASN A 171 -7.30 3.33 23.58
CA ASN A 171 -6.11 3.63 24.36
C ASN A 171 -5.14 4.54 23.63
N LEU A 172 -5.53 5.01 22.45
CA LEU A 172 -4.68 5.90 21.66
C LEU A 172 -5.26 7.30 21.52
N LEU A 173 -4.57 8.29 22.09
CA LEU A 173 -5.03 9.67 22.02
C LEU A 173 -4.21 10.43 21.02
N ILE A 174 -4.76 11.55 20.54
CA ILE A 174 -4.09 12.40 19.55
C ILE A 174 -3.63 13.75 20.11
N ASP A 175 -2.38 14.08 19.85
CA ASP A 175 -1.76 15.34 20.28
C ASP A 175 -2.35 16.58 19.64
N GLN A 176 -2.05 17.73 20.24
CA GLN A 176 -2.46 19.01 19.67
C GLN A 176 -1.38 19.30 18.61
N GLN A 177 -0.58 18.27 18.36
CA GLN A 177 0.51 18.28 17.38
C GLN A 177 0.20 17.18 16.37
N GLY A 178 -0.89 16.45 16.62
CA GLY A 178 -1.31 15.39 15.71
C GLY A 178 -0.75 14.00 15.93
N TYR A 179 0.23 13.89 16.82
CA TYR A 179 0.85 12.61 17.12
C TYR A 179 0.09 11.78 18.16
N ILE A 180 0.50 10.52 18.29
CA ILE A 180 -0.10 9.56 19.20
C ILE A 180 0.40 9.67 20.65
N GLN A 181 -0.41 9.17 21.57
CA GLN A 181 -0.11 9.19 23.00
C GLN A 181 -0.82 7.97 23.57
N VAL A 182 -0.08 6.89 23.80
CA VAL A 182 -0.69 5.68 24.35
C VAL A 182 -1.01 5.94 25.79
N THR A 183 -2.25 5.63 26.17
CA THR A 183 -2.71 5.85 27.53
C THR A 183 -3.31 4.61 28.16
N ASP A 184 -3.48 4.66 29.47
CA ASP A 184 -4.07 3.55 30.23
C ASP A 184 -3.16 2.33 30.19
N PHE A 185 -2.27 2.26 31.18
CA PHE A 185 -1.31 1.16 31.33
C PHE A 185 -1.77 0.16 32.39
N GLY A 186 -3.08 0.06 32.54
CA GLY A 186 -3.61 -0.86 33.53
C GLY A 186 -3.10 -2.29 33.42
N PHE A 187 -3.38 -2.97 32.31
CA PHE A 187 -2.98 -4.36 32.12
C PHE A 187 -1.53 -4.61 31.77
N ALA A 188 -0.67 -3.59 31.83
CA ALA A 188 0.74 -3.79 31.48
C ALA A 188 1.49 -4.61 32.53
N LYS A 189 2.36 -5.48 32.05
CA LYS A 189 3.13 -6.33 32.95
C LYS A 189 4.60 -6.42 32.55
N ARG A 190 5.43 -6.56 33.56
CA ARG A 190 6.87 -6.71 33.38
C ARG A 190 7.05 -8.22 33.41
N VAL A 191 7.41 -8.80 32.26
CA VAL A 191 7.61 -10.23 32.19
C VAL A 191 8.75 -10.61 31.23
N LYS A 192 9.59 -11.56 31.66
CA LYS A 192 10.69 -12.02 30.83
C LYS A 192 10.14 -13.07 29.88
N GLY A 193 9.53 -14.09 30.45
CA GLY A 193 8.98 -15.18 29.67
C GLY A 193 7.54 -15.05 29.23
N ARG A 194 6.74 -16.02 29.65
CA ARG A 194 5.34 -16.08 29.28
C ARG A 194 4.40 -15.85 30.44
N THR A 195 3.18 -15.43 30.15
CA THR A 195 2.17 -15.22 31.16
C THR A 195 0.84 -15.80 30.68
N TRP A 196 -0.15 -15.82 31.57
CA TRP A 196 -1.44 -16.42 31.25
C TRP A 196 -2.72 -15.60 31.44
N TPO A 197 -2.68 -14.57 32.26
CA TPO A 197 -3.85 -13.73 32.54
CB TPO A 197 -3.54 -12.48 33.40
CG2 TPO A 197 -4.80 -11.90 33.98
OG1 TPO A 197 -2.62 -12.83 34.46
P TPO A 197 -1.13 -12.17 34.51
O1P TPO A 197 -0.71 -12.06 33.06
O2P TPO A 197 -1.29 -10.83 35.20
O3P TPO A 197 -0.27 -13.13 35.30
C TPO A 197 -4.60 -13.23 31.29
O TPO A 197 -4.02 -12.56 30.43
N LEU A 198 -5.91 -13.49 31.30
CA LEU A 198 -6.82 -13.08 30.24
C LEU A 198 -7.35 -11.66 30.46
N CME A 199 -7.28 -10.84 29.41
CA CME A 199 -7.80 -9.48 29.48
CB CME A 199 -7.07 -8.69 30.56
SG CME A 199 -5.20 -8.54 30.32
SD CME A 199 -4.42 -9.57 31.87
CE CME A 199 -4.28 -8.25 33.21
CZ CME A 199 -5.59 -8.01 33.93
OH CME A 199 -5.45 -7.06 34.97
C CME A 199 -7.72 -8.74 28.16
O CME A 199 -7.00 -9.14 27.25
N GLY A 200 -8.43 -7.62 28.09
CA GLY A 200 -8.40 -6.84 26.88
C GLY A 200 -9.59 -7.14 25.98
N THR A 201 -9.88 -6.23 25.06
CA THR A 201 -10.99 -6.37 24.14
C THR A 201 -10.77 -7.45 23.07
N PRO A 202 -11.67 -8.45 23.01
CA PRO A 202 -11.68 -9.59 22.10
C PRO A 202 -11.20 -9.46 20.64
N GLU A 203 -11.60 -8.42 19.91
CA GLU A 203 -11.14 -8.29 18.54
C GLU A 203 -9.64 -8.10 18.34
N TYR A 204 -8.91 -7.79 19.41
CA TYR A 204 -7.46 -7.59 19.34
C TYR A 204 -6.72 -8.74 20.04
N LEU A 205 -7.47 -9.60 20.71
CA LEU A 205 -6.87 -10.75 21.38
C LEU A 205 -6.33 -11.69 20.33
N ALA A 206 -5.09 -12.12 20.53
CA ALA A 206 -4.44 -13.04 19.61
C ALA A 206 -4.82 -14.45 19.98
N PRO A 207 -4.75 -15.38 19.00
CA PRO A 207 -5.09 -16.79 19.19
C PRO A 207 -4.55 -17.39 20.49
N GLU A 208 -3.29 -17.10 20.81
CA GLU A 208 -2.64 -17.60 22.03
C GLU A 208 -3.48 -17.33 23.26
N ILE A 209 -3.86 -16.07 23.44
CA ILE A 209 -4.64 -15.66 24.60
C ILE A 209 -5.98 -16.37 24.65
N ILE A 210 -6.67 -16.41 23.52
CA ILE A 210 -7.96 -17.06 23.46
C ILE A 210 -7.84 -18.54 23.84
N LEU A 211 -6.92 -19.24 23.18
CA LEU A 211 -6.68 -20.67 23.43
C LEU A 211 -6.00 -20.92 24.77
N SER A 212 -6.35 -20.11 25.77
CA SER A 212 -5.82 -20.14 27.15
C SER A 212 -4.47 -20.82 27.34
N LYS A 213 -3.58 -20.66 26.36
CA LYS A 213 -2.24 -21.23 26.42
C LYS A 213 -1.30 -20.10 26.87
N GLY A 214 0.00 -20.38 26.94
CA GLY A 214 0.93 -19.34 27.35
C GLY A 214 1.27 -18.34 26.25
N TYR A 215 1.23 -17.04 26.58
CA TYR A 215 1.55 -15.99 25.60
C TYR A 215 2.67 -15.05 26.04
N ASN A 216 3.21 -14.30 25.09
CA ASN A 216 4.31 -13.39 25.35
C ASN A 216 4.13 -12.03 24.63
N LYS A 217 5.23 -11.27 24.57
CA LYS A 217 5.26 -9.97 23.94
C LYS A 217 4.71 -9.96 22.50
N ALA A 218 4.65 -11.13 21.86
CA ALA A 218 4.16 -11.26 20.48
C ALA A 218 2.69 -10.88 20.34
N VAL A 219 1.98 -10.89 21.46
CA VAL A 219 0.58 -10.53 21.52
C VAL A 219 0.39 -9.07 21.06
N ASP A 220 1.36 -8.23 21.38
CA ASP A 220 1.31 -6.82 21.00
C ASP A 220 1.47 -6.64 19.50
N TRP A 221 2.25 -7.51 18.89
CA TRP A 221 2.47 -7.42 17.45
C TRP A 221 1.21 -7.88 16.71
N TRP A 222 0.57 -8.93 17.22
CA TRP A 222 -0.68 -9.38 16.63
C TRP A 222 -1.65 -8.21 16.68
N ALA A 223 -1.86 -7.65 17.87
CA ALA A 223 -2.79 -6.52 18.01
C ALA A 223 -2.47 -5.38 17.07
N LEU A 224 -1.18 -5.10 16.87
CA LEU A 224 -0.76 -4.02 15.97
C LEU A 224 -1.35 -4.31 14.58
N GLY A 225 -1.42 -5.59 14.23
CA GLY A 225 -1.97 -5.96 12.93
C GLY A 225 -3.43 -5.55 12.89
N VAL A 226 -4.18 -6.09 13.85
CA VAL A 226 -5.61 -5.77 13.98
C VAL A 226 -5.79 -4.25 13.95
N LEU A 227 -4.92 -3.52 14.61
CA LEU A 227 -5.04 -2.07 14.60
C LEU A 227 -4.78 -1.42 13.25
N ILE A 228 -3.68 -1.82 12.57
CA ILE A 228 -3.29 -1.27 11.25
C ILE A 228 -4.39 -1.55 10.27
N TYR A 229 -4.95 -2.74 10.39
CA TYR A 229 -6.01 -3.12 9.51
C TYR A 229 -7.22 -2.22 9.69
N GLU A 230 -7.71 -2.15 10.93
CA GLU A 230 -8.88 -1.36 11.28
C GLU A 230 -8.76 0.09 10.85
N MET A 231 -7.57 0.68 10.99
CA MET A 231 -7.38 2.07 10.58
C MET A 231 -7.59 2.30 9.07
N ALA A 232 -6.96 1.44 8.26
CA ALA A 232 -7.04 1.57 6.80
C ALA A 232 -8.35 1.10 6.22
N ALA A 233 -8.92 0.06 6.82
CA ALA A 233 -10.21 -0.50 6.37
C ALA A 233 -11.41 0.28 6.88
N GLY A 234 -11.41 0.60 8.17
CA GLY A 234 -12.51 1.34 8.78
C GLY A 234 -13.30 0.43 9.71
N TYR A 235 -12.86 -0.82 9.79
CA TYR A 235 -13.48 -1.83 10.62
C TYR A 235 -12.44 -2.93 10.87
N PRO A 236 -12.50 -3.57 12.06
CA PRO A 236 -11.57 -4.64 12.45
C PRO A 236 -11.65 -5.85 11.52
N PRO A 237 -10.51 -6.54 11.32
CA PRO A 237 -10.43 -7.73 10.46
C PRO A 237 -11.25 -8.91 10.98
N PHE A 238 -11.47 -8.97 12.29
CA PHE A 238 -12.24 -10.05 12.86
C PHE A 238 -13.37 -9.47 13.69
N PHE A 239 -14.54 -9.28 13.09
CA PHE A 239 -15.68 -8.72 13.82
C PHE A 239 -16.91 -9.61 13.74
N ALA A 240 -17.58 -9.76 14.87
CA ALA A 240 -18.79 -10.56 14.94
C ALA A 240 -19.85 -9.72 15.63
N ASP A 241 -20.74 -10.38 16.36
CA ASP A 241 -21.77 -9.70 17.13
C ASP A 241 -21.62 -10.25 18.54
N GLN A 242 -21.48 -11.57 18.64
CA GLN A 242 -21.30 -12.24 19.92
C GLN A 242 -19.85 -12.73 20.01
N PRO A 243 -19.20 -12.58 21.19
CA PRO A 243 -17.81 -12.97 21.45
C PRO A 243 -17.35 -14.35 20.95
N ILE A 244 -18.17 -15.37 21.19
CA ILE A 244 -17.86 -16.73 20.81
C ILE A 244 -17.42 -16.89 19.34
N GLN A 245 -18.06 -16.13 18.45
CA GLN A 245 -17.77 -16.18 17.02
C GLN A 245 -16.53 -15.37 16.63
N ILE A 246 -16.21 -14.32 17.40
CA ILE A 246 -15.02 -13.51 17.13
C ILE A 246 -13.84 -14.42 17.38
N TYR A 247 -13.86 -15.08 18.53
CA TYR A 247 -12.82 -16.00 18.93
C TYR A 247 -12.59 -17.00 17.80
N GLU A 248 -13.69 -17.59 17.34
CA GLU A 248 -13.65 -18.57 16.26
C GLU A 248 -12.85 -18.01 15.09
N LYS A 249 -13.31 -16.86 14.60
CA LYS A 249 -12.68 -16.21 13.46
C LYS A 249 -11.24 -15.75 13.76
N ILE A 250 -10.96 -15.37 15.00
CA ILE A 250 -9.62 -14.93 15.38
C ILE A 250 -8.64 -16.09 15.40
N VAL A 251 -9.17 -17.32 15.52
CA VAL A 251 -8.35 -18.53 15.54
C VAL A 251 -8.20 -19.15 14.14
N SER A 252 -9.24 -19.03 13.32
CA SER A 252 -9.23 -19.55 11.95
C SER A 252 -8.03 -18.94 11.21
N GLY A 253 -7.80 -17.65 11.43
CA GLY A 253 -6.68 -16.98 10.80
C GLY A 253 -6.87 -16.83 9.30
N LYS A 254 -8.00 -16.25 8.91
CA LYS A 254 -8.29 -16.04 7.51
C LYS A 254 -8.73 -14.61 7.37
N VAL A 255 -7.84 -13.79 6.81
CA VAL A 255 -8.10 -12.36 6.61
C VAL A 255 -8.50 -12.03 5.17
N ARG A 256 -9.52 -11.20 5.02
CA ARG A 256 -10.03 -10.78 3.71
C ARG A 256 -9.85 -9.28 3.60
N PHE A 257 -8.96 -8.86 2.71
CA PHE A 257 -8.67 -7.43 2.58
C PHE A 257 -9.63 -6.67 1.67
N PRO A 258 -10.04 -5.46 2.08
CA PRO A 258 -10.94 -4.68 1.22
C PRO A 258 -10.13 -4.35 -0.03
N SER A 259 -10.76 -4.48 -1.20
CA SER A 259 -10.11 -4.26 -2.50
C SER A 259 -9.10 -3.09 -2.67
N HIS A 260 -9.27 -1.99 -1.93
CA HIS A 260 -8.35 -0.87 -2.09
C HIS A 260 -7.02 -0.99 -1.35
N PHE A 261 -6.90 -2.02 -0.51
CA PHE A 261 -5.68 -2.25 0.25
C PHE A 261 -4.52 -2.46 -0.71
N SER A 262 -3.43 -1.73 -0.51
CA SER A 262 -2.26 -1.88 -1.36
C SER A 262 -1.69 -3.31 -1.21
N SER A 263 -0.86 -3.70 -2.17
CA SER A 263 -0.21 -5.02 -2.17
C SER A 263 0.77 -5.07 -1.00
N ASP A 264 1.36 -3.92 -0.70
CA ASP A 264 2.31 -3.79 0.39
C ASP A 264 1.63 -3.91 1.77
N LEU A 265 0.46 -3.29 1.92
CA LEU A 265 -0.26 -3.35 3.17
C LEU A 265 -0.66 -4.80 3.45
N LYS A 266 -1.22 -5.45 2.44
CA LYS A 266 -1.64 -6.84 2.55
C LYS A 266 -0.52 -7.75 3.06
N ASP A 267 0.68 -7.55 2.51
CA ASP A 267 1.85 -8.35 2.87
C ASP A 267 2.20 -8.18 4.35
N LEU A 268 2.32 -6.91 4.76
CA LEU A 268 2.64 -6.57 6.14
C LEU A 268 1.61 -7.13 7.10
N LEU A 269 0.33 -6.97 6.78
CA LEU A 269 -0.75 -7.47 7.63
C LEU A 269 -0.73 -8.98 7.71
N ARG A 270 -0.42 -9.63 6.60
CA ARG A 270 -0.39 -11.10 6.58
C ARG A 270 0.72 -11.62 7.51
N ASN A 271 1.86 -10.94 7.55
CA ASN A 271 2.95 -11.35 8.43
C ASN A 271 2.63 -11.07 9.91
N LEU A 272 2.02 -9.91 10.18
CA LEU A 272 1.63 -9.52 11.55
C LEU A 272 0.46 -10.39 12.04
N LEU A 273 -0.55 -10.58 11.20
CA LEU A 273 -1.71 -11.41 11.55
C LEU A 273 -1.46 -12.87 11.18
N GLN A 274 -0.45 -13.46 11.80
CA GLN A 274 -0.15 -14.86 11.54
C GLN A 274 -0.32 -15.67 12.81
N VAL A 275 -1.22 -16.65 12.76
CA VAL A 275 -1.51 -17.52 13.88
C VAL A 275 -0.28 -18.26 14.38
N ASP A 276 0.69 -18.45 13.48
CA ASP A 276 1.93 -19.16 13.80
C ASP A 276 2.94 -18.27 14.51
N LEU A 277 3.00 -18.42 15.83
CA LEU A 277 3.91 -17.63 16.68
C LEU A 277 5.37 -17.77 16.29
N THR A 278 5.63 -18.66 15.35
CA THR A 278 6.99 -18.88 14.89
C THR A 278 7.23 -18.28 13.47
N LYS A 279 6.20 -17.66 12.91
CA LYS A 279 6.28 -17.00 11.60
C LYS A 279 5.80 -15.53 11.69
N ARG A 280 5.38 -15.11 12.89
CA ARG A 280 4.87 -13.75 13.11
C ARG A 280 5.93 -12.67 13.13
N PHE A 281 5.73 -11.63 12.34
CA PHE A 281 6.67 -10.52 12.29
C PHE A 281 6.74 -9.86 13.65
N GLY A 282 7.95 -9.74 14.20
CA GLY A 282 8.11 -9.11 15.50
C GLY A 282 8.62 -10.09 16.54
N ASN A 283 8.24 -11.35 16.37
CA ASN A 283 8.65 -12.45 17.26
C ASN A 283 9.66 -13.33 16.50
N LEU A 284 10.59 -12.69 15.77
CA LEU A 284 11.58 -13.42 14.99
C LEU A 284 13.03 -13.01 15.23
N LYS A 285 13.92 -13.68 14.49
CA LYS A 285 15.35 -13.44 14.58
C LYS A 285 15.68 -11.99 14.35
N ASN A 286 15.18 -11.41 13.27
CA ASN A 286 15.45 -10.00 13.01
C ASN A 286 14.54 -9.04 13.80
N GLY A 287 13.78 -9.62 14.75
CA GLY A 287 12.88 -8.88 15.61
C GLY A 287 12.03 -7.78 15.01
N VAL A 288 12.14 -6.60 15.60
CA VAL A 288 11.36 -5.42 15.19
C VAL A 288 11.67 -5.02 13.76
N ASN A 289 12.89 -5.29 13.34
CA ASN A 289 13.34 -4.91 12.01
C ASN A 289 12.57 -5.51 10.82
N ASP A 290 12.03 -6.70 10.98
CA ASP A 290 11.24 -7.26 9.89
C ASP A 290 10.07 -6.32 9.62
N ILE A 291 9.69 -5.55 10.66
CA ILE A 291 8.58 -4.61 10.59
C ILE A 291 8.99 -3.22 10.14
N LYS A 292 10.06 -2.68 10.73
CA LYS A 292 10.53 -1.34 10.36
C LYS A 292 11.10 -1.28 8.94
N ASN A 293 11.60 -2.41 8.47
CA ASN A 293 12.18 -2.47 7.15
C ASN A 293 11.19 -2.80 6.05
N HIS A 294 10.16 -3.57 6.37
CA HIS A 294 9.13 -3.96 5.40
C HIS A 294 8.78 -2.80 4.46
N LYS A 295 8.66 -3.11 3.17
CA LYS A 295 8.35 -2.12 2.15
C LYS A 295 7.21 -1.14 2.48
N TRP A 296 6.16 -1.58 3.21
CA TRP A 296 5.07 -0.67 3.55
C TRP A 296 5.56 0.56 4.29
N PHE A 297 6.54 0.37 5.17
CA PHE A 297 7.12 1.46 5.96
C PHE A 297 8.33 2.08 5.30
N ALA A 298 8.65 1.62 4.08
CA ALA A 298 9.80 2.11 3.33
C ALA A 298 9.84 3.64 3.20
N THR A 299 8.68 4.28 3.18
CA THR A 299 8.60 5.73 3.06
C THR A 299 8.73 6.48 4.39
N THR A 300 8.81 5.75 5.49
CA THR A 300 8.89 6.39 6.80
C THR A 300 10.28 6.55 7.41
N ASP A 301 10.52 7.76 7.92
CA ASP A 301 11.78 8.15 8.56
C ASP A 301 11.57 7.97 10.06
N TRP A 302 12.01 6.82 10.57
CA TRP A 302 11.87 6.45 11.97
C TRP A 302 12.35 7.47 12.99
N ILE A 303 13.48 8.11 12.70
CA ILE A 303 14.02 9.10 13.64
C ILE A 303 13.20 10.38 13.58
N ALA A 304 12.64 10.67 12.41
CA ALA A 304 11.82 11.87 12.24
C ALA A 304 10.52 11.69 13.03
N ILE A 305 9.95 10.48 12.94
CA ILE A 305 8.74 10.18 13.68
C ILE A 305 9.05 10.37 15.15
N TYR A 306 10.11 9.73 15.64
CA TYR A 306 10.52 9.83 17.03
C TYR A 306 10.72 11.29 17.49
N GLN A 307 11.35 12.10 16.64
CA GLN A 307 11.63 13.50 16.96
C GLN A 307 10.42 14.41 16.73
N ARG A 308 9.37 13.87 16.14
CA ARG A 308 8.17 14.64 15.84
C ARG A 308 8.44 15.65 14.74
N LYS A 309 9.28 15.26 13.79
CA LYS A 309 9.61 16.13 12.68
C LYS A 309 8.56 16.03 11.57
N VAL A 310 8.09 14.81 11.27
CA VAL A 310 7.09 14.60 10.22
C VAL A 310 5.81 15.41 10.45
N GLU A 311 5.15 15.81 9.35
CA GLU A 311 3.92 16.59 9.42
C GLU A 311 2.73 15.71 9.79
N ALA A 312 1.90 16.21 10.70
CA ALA A 312 0.73 15.47 11.15
C ALA A 312 -0.35 15.35 10.08
N PRO A 313 -1.04 14.20 10.02
CA PRO A 313 -2.10 13.92 9.04
C PRO A 313 -3.25 14.89 9.24
N PHE A 314 -3.31 15.43 10.45
CA PHE A 314 -4.32 16.41 10.81
C PHE A 314 -4.12 16.78 12.27
N ILE A 315 -4.63 17.95 12.65
CA ILE A 315 -4.53 18.45 14.00
C ILE A 315 -5.96 18.73 14.49
N PRO A 316 -6.39 18.09 15.60
CA PRO A 316 -7.73 18.28 16.15
C PRO A 316 -7.91 19.67 16.74
N LYS A 317 -9.12 20.22 16.61
CA LYS A 317 -9.44 21.57 17.10
C LYS A 317 -9.08 21.76 18.58
N PHE A 318 -8.45 22.88 18.88
CA PHE A 318 -8.00 23.24 20.23
C PHE A 318 -9.16 23.45 21.22
N ASP A 329 -20.32 31.41 33.83
CA ASP A 329 -21.11 30.18 33.88
C ASP A 329 -20.22 28.97 34.23
N TYR A 330 -19.46 29.12 35.31
CA TYR A 330 -18.57 28.06 35.79
C TYR A 330 -19.17 27.32 37.00
N GLU A 331 -19.43 26.02 36.81
CA GLU A 331 -19.99 25.13 37.83
C GLU A 331 -18.99 24.92 39.00
N GLU A 332 -19.16 23.85 39.78
CA GLU A 332 -18.25 23.58 40.91
C GLU A 332 -18.19 22.10 41.32
N GLU A 333 -17.32 21.81 42.29
CA GLU A 333 -17.13 20.44 42.80
C GLU A 333 -16.41 20.45 44.16
N GLU A 334 -16.56 19.36 44.92
CA GLU A 334 -15.91 19.23 46.23
C GLU A 334 -14.62 18.39 46.14
N ILE A 335 -13.82 18.46 47.20
CA ILE A 335 -12.56 17.72 47.31
C ILE A 335 -12.40 17.22 48.74
N ARG A 336 -13.06 16.10 49.05
CA ARG A 336 -13.02 15.53 50.39
C ARG A 336 -11.69 14.91 50.83
N VAL A 337 -10.85 15.71 51.48
CA VAL A 337 -9.56 15.24 51.99
C VAL A 337 -9.68 15.02 53.52
N SEP A 338 -10.31 13.90 53.88
CA SEP A 338 -10.61 13.43 55.24
CB SEP A 338 -10.94 11.94 55.16
OG SEP A 338 -11.03 11.36 56.48
C SEP A 338 -9.57 13.71 56.34
O SEP A 338 -8.39 13.90 56.06
P SEP A 338 -12.43 11.38 57.34
O1P SEP A 338 -13.45 10.58 56.53
O2P SEP A 338 -12.08 10.72 58.67
O3P SEP A 338 -12.81 12.85 57.48
N ILE A 339 -10.02 13.70 57.60
CA ILE A 339 -9.17 13.95 58.77
C ILE A 339 -8.16 12.85 59.11
N ASN A 340 -8.59 11.59 59.16
CA ASN A 340 -7.65 10.48 59.43
C ASN A 340 -7.53 9.55 58.22
N GLU A 341 -6.31 9.08 57.97
CA GLU A 341 -5.94 8.22 56.83
C GLU A 341 -6.65 6.90 56.66
N LYS A 342 -7.48 6.81 55.62
CA LYS A 342 -8.22 5.60 55.30
C LYS A 342 -7.36 4.71 54.41
N CYS A 343 -7.38 3.41 54.68
CA CYS A 343 -6.62 2.42 53.94
C CYS A 343 -5.18 2.83 53.60
N GLY A 344 -4.51 3.44 54.57
CA GLY A 344 -3.13 3.88 54.40
C GLY A 344 -2.11 2.76 54.26
N LYS A 345 -2.29 1.67 55.00
CA LYS A 345 -1.36 0.54 54.94
C LYS A 345 -1.28 -0.07 53.53
N GLU A 346 -2.41 -0.07 52.84
CA GLU A 346 -2.53 -0.64 51.49
C GLU A 346 -1.74 0.05 50.35
N PHE A 347 -1.66 1.37 50.40
CA PHE A 347 -0.94 2.13 49.38
C PHE A 347 0.37 2.72 49.92
N THR A 348 1.20 1.88 50.56
CA THR A 348 2.49 2.36 51.10
C THR A 348 3.47 2.64 49.97
N GLU A 349 3.38 1.82 48.92
CA GLU A 349 4.23 1.90 47.72
C GLU A 349 3.91 3.08 46.82
N PHE A 350 2.64 3.49 46.79
CA PHE A 350 2.22 4.60 45.93
C PHE A 350 3.01 5.89 46.15
N GLU B 11 -10.85 -28.27 -13.84
CA GLU B 11 -9.92 -27.54 -12.98
C GLU B 11 -9.37 -26.30 -13.69
N GLN B 12 -8.78 -26.52 -14.88
CA GLN B 12 -8.20 -25.46 -15.70
C GLN B 12 -9.16 -25.03 -16.83
N GLU B 13 -10.46 -25.10 -16.52
CA GLU B 13 -11.52 -24.72 -17.44
C GLU B 13 -12.04 -23.35 -16.99
N SER B 14 -11.75 -23.00 -15.74
CA SER B 14 -12.14 -21.71 -15.17
C SER B 14 -11.39 -20.59 -15.92
N VAL B 15 -10.68 -20.99 -16.97
CA VAL B 15 -9.92 -20.13 -17.86
C VAL B 15 -10.86 -19.75 -19.00
N LYS B 16 -11.42 -20.77 -19.63
CA LYS B 16 -12.37 -20.56 -20.72
C LYS B 16 -13.61 -19.82 -20.20
N GLU B 17 -13.78 -19.82 -18.86
CA GLU B 17 -14.91 -19.16 -18.21
C GLU B 17 -14.56 -17.74 -17.76
N PHE B 18 -13.28 -17.47 -17.56
CA PHE B 18 -12.83 -16.13 -17.19
C PHE B 18 -12.89 -15.27 -18.44
N LEU B 19 -12.53 -15.87 -19.59
CA LEU B 19 -12.55 -15.16 -20.88
C LEU B 19 -13.96 -14.78 -21.35
N ALA B 20 -14.87 -15.77 -21.34
CA ALA B 20 -16.27 -15.55 -21.77
C ALA B 20 -16.98 -14.47 -20.95
N LYS B 21 -16.58 -14.33 -19.69
CA LYS B 21 -17.13 -13.32 -18.80
C LYS B 21 -16.57 -11.99 -19.27
N ALA B 22 -15.27 -11.96 -19.56
CA ALA B 22 -14.58 -10.76 -20.02
C ALA B 22 -15.05 -10.29 -21.39
N LYS B 23 -15.48 -11.22 -22.21
CA LYS B 23 -15.97 -10.91 -23.54
C LYS B 23 -17.29 -10.14 -23.35
N GLU B 24 -18.07 -10.58 -22.38
CA GLU B 24 -19.35 -9.94 -22.07
C GLU B 24 -19.12 -8.56 -21.45
N ASP B 25 -18.06 -8.41 -20.65
CA ASP B 25 -17.77 -7.11 -20.04
C ASP B 25 -17.42 -6.12 -21.11
N PHE B 26 -16.46 -6.52 -21.95
CA PHE B 26 -15.97 -5.69 -23.02
C PHE B 26 -17.05 -5.21 -23.98
N LEU B 27 -17.79 -6.14 -24.57
CA LEU B 27 -18.83 -5.78 -25.52
C LEU B 27 -19.82 -4.78 -24.97
N LYS B 28 -20.18 -4.95 -23.70
CA LYS B 28 -21.11 -4.06 -23.02
C LYS B 28 -20.56 -2.63 -23.05
N LYS B 29 -19.28 -2.49 -22.70
CA LYS B 29 -18.60 -1.21 -22.69
C LYS B 29 -18.31 -0.76 -24.12
N TRP B 30 -18.19 -1.74 -25.02
CA TRP B 30 -17.91 -1.48 -26.42
C TRP B 30 -19.14 -0.99 -27.18
N GLU B 31 -20.31 -1.49 -26.79
CA GLU B 31 -21.59 -1.13 -27.41
C GLU B 31 -22.01 0.27 -27.00
N THR B 32 -21.82 0.57 -25.72
CA THR B 32 -22.17 1.86 -25.18
C THR B 32 -21.02 2.37 -24.32
N PRO B 33 -19.98 2.88 -25.00
CA PRO B 33 -18.77 3.42 -24.38
C PRO B 33 -19.01 4.64 -23.52
N SER B 34 -18.24 4.75 -22.44
CA SER B 34 -18.34 5.88 -21.52
C SER B 34 -17.68 7.14 -22.08
N GLN B 35 -18.36 8.27 -21.90
CA GLN B 35 -17.89 9.58 -22.37
C GLN B 35 -17.94 10.54 -21.21
N ASN B 36 -17.10 11.58 -21.28
CA ASN B 36 -17.01 12.62 -20.26
C ASN B 36 -17.15 12.11 -18.82
N THR B 37 -16.17 11.29 -18.42
CA THR B 37 -16.15 10.73 -17.08
C THR B 37 -15.52 11.72 -16.05
N ALA B 38 -15.19 12.93 -16.50
CA ALA B 38 -14.59 13.97 -15.65
C ALA B 38 -14.41 15.25 -16.47
N GLN B 39 -13.86 16.30 -15.85
CA GLN B 39 -13.61 17.56 -16.55
C GLN B 39 -12.35 18.23 -16.03
N LEU B 40 -11.76 19.11 -16.84
CA LEU B 40 -10.51 19.80 -16.50
C LEU B 40 -10.36 20.40 -15.09
N ASP B 41 -11.29 21.26 -14.68
CA ASP B 41 -11.24 21.90 -13.35
C ASP B 41 -11.48 20.95 -12.15
N GLN B 42 -11.34 19.64 -12.38
CA GLN B 42 -11.51 18.62 -11.33
C GLN B 42 -10.16 18.12 -10.88
N PHE B 43 -9.13 18.47 -11.66
CA PHE B 43 -7.77 18.04 -11.37
C PHE B 43 -6.84 19.22 -11.12
N ASP B 44 -5.79 18.96 -10.35
CA ASP B 44 -4.74 19.95 -10.02
C ASP B 44 -3.55 19.68 -10.94
N ARG B 45 -3.29 20.58 -11.89
CA ARG B 45 -2.17 20.43 -12.82
C ARG B 45 -0.80 20.55 -12.12
N ILE B 46 -0.18 19.40 -11.82
CA ILE B 46 1.12 19.33 -11.15
C ILE B 46 2.34 19.75 -11.97
N LYS B 47 2.62 19.02 -13.05
CA LYS B 47 3.77 19.33 -13.89
C LYS B 47 3.54 18.92 -15.33
N THR B 48 4.50 19.21 -16.21
CA THR B 48 4.40 18.84 -17.62
C THR B 48 5.35 17.69 -17.97
N LEU B 49 4.83 16.45 -17.93
CA LEU B 49 5.62 15.25 -18.22
C LEU B 49 6.26 15.23 -19.60
N GLY B 50 5.81 16.12 -20.48
CA GLY B 50 6.39 16.16 -21.81
C GLY B 50 5.37 16.46 -22.90
N THR B 51 5.84 17.06 -23.99
CA THR B 51 4.98 17.40 -25.13
C THR B 51 5.18 16.43 -26.30
N GLY B 52 4.08 15.78 -26.70
CA GLY B 52 4.12 14.85 -27.81
C GLY B 52 3.78 15.55 -29.12
N SER B 53 3.24 14.81 -30.09
CA SER B 53 2.88 15.39 -31.39
C SER B 53 1.54 16.12 -31.35
N PHE B 54 0.48 15.40 -30.97
CA PHE B 54 -0.86 15.98 -30.91
C PHE B 54 -1.00 17.02 -29.80
N GLY B 55 -0.31 16.78 -28.69
CA GLY B 55 -0.37 17.70 -27.55
C GLY B 55 0.53 17.22 -26.43
N ARG B 56 0.55 17.96 -25.33
CA ARG B 56 1.36 17.62 -24.16
C ARG B 56 0.71 16.56 -23.25
N VAL B 57 1.53 15.64 -22.75
CA VAL B 57 1.06 14.56 -21.88
C VAL B 57 1.38 14.82 -20.42
N MET B 58 1.23 16.07 -20.00
CA MET B 58 1.54 16.48 -18.64
C MET B 58 0.80 15.73 -17.52
N LEU B 59 1.39 15.76 -16.32
CA LEU B 59 0.83 15.10 -15.14
C LEU B 59 -0.33 15.89 -14.53
N VAL B 60 -0.91 15.33 -13.47
CA VAL B 60 -2.04 15.96 -12.77
C VAL B 60 -2.40 15.21 -11.49
N LYS B 61 -3.25 15.82 -10.67
CA LYS B 61 -3.71 15.24 -9.41
C LYS B 61 -5.20 15.48 -9.25
N HIS B 62 -5.93 14.40 -8.99
CA HIS B 62 -7.39 14.46 -8.83
C HIS B 62 -7.75 15.10 -7.48
N LYS B 63 -8.18 16.36 -7.54
CA LYS B 63 -8.57 17.15 -6.35
C LYS B 63 -9.24 16.32 -5.25
N GLU B 64 -10.30 15.59 -5.61
CA GLU B 64 -11.03 14.75 -4.67
C GLU B 64 -10.19 13.63 -4.04
N SER B 65 -9.94 12.57 -4.80
CA SER B 65 -9.16 11.43 -4.30
C SER B 65 -7.70 11.76 -3.94
N GLY B 66 -7.18 12.85 -4.52
CA GLY B 66 -5.80 13.24 -4.29
C GLY B 66 -4.84 12.28 -4.97
N ASN B 67 -5.38 11.47 -5.88
CA ASN B 67 -4.60 10.49 -6.64
C ASN B 67 -3.94 11.17 -7.84
N HIS B 68 -2.89 10.55 -8.37
CA HIS B 68 -2.15 11.10 -9.51
C HIS B 68 -2.38 10.32 -10.80
N TYR B 69 -2.51 11.07 -11.88
CA TYR B 69 -2.78 10.50 -13.20
C TYR B 69 -1.95 11.20 -14.27
N ALA B 70 -1.84 10.56 -15.43
CA ALA B 70 -1.09 11.11 -16.56
C ALA B 70 -2.07 11.59 -17.62
N MET B 71 -2.47 12.85 -17.53
CA MET B 71 -3.41 13.40 -18.50
C MET B 71 -2.77 13.72 -19.85
N LYS B 72 -3.23 13.02 -20.88
CA LYS B 72 -2.74 13.23 -22.23
C LYS B 72 -3.72 14.16 -22.97
N ILE B 73 -3.39 15.45 -23.03
CA ILE B 73 -4.24 16.40 -23.70
C ILE B 73 -3.92 16.46 -25.21
N LEU B 74 -4.79 15.85 -26.01
CA LEU B 74 -4.60 15.88 -27.46
C LEU B 74 -5.46 17.03 -27.96
N ASP B 75 -4.95 17.82 -28.89
CA ASP B 75 -5.70 18.97 -29.42
C ASP B 75 -6.51 18.64 -30.69
N LYS B 76 -7.82 18.92 -30.63
CA LYS B 76 -8.75 18.65 -31.74
C LYS B 76 -8.20 18.95 -33.13
N GLN B 77 -7.99 20.24 -33.42
CA GLN B 77 -7.47 20.65 -34.73
C GLN B 77 -6.15 19.93 -35.01
N LYS B 78 -5.28 19.92 -34.00
CA LYS B 78 -3.97 19.28 -34.13
C LYS B 78 -4.09 17.84 -34.61
N VAL B 79 -5.10 17.13 -34.11
CA VAL B 79 -5.32 15.73 -34.48
C VAL B 79 -5.84 15.60 -35.89
N VAL B 80 -6.76 16.49 -36.26
CA VAL B 80 -7.36 16.46 -37.59
C VAL B 80 -6.33 16.83 -38.66
N LYS B 81 -5.56 17.88 -38.38
CA LYS B 81 -4.53 18.36 -39.31
C LYS B 81 -3.51 17.26 -39.56
N LEU B 82 -3.11 16.58 -38.49
CA LEU B 82 -2.14 15.49 -38.58
C LEU B 82 -2.77 14.27 -39.29
N LYS B 83 -4.06 14.40 -39.60
CA LYS B 83 -4.84 13.38 -40.29
C LYS B 83 -5.03 12.09 -39.49
N GLN B 84 -5.43 12.22 -38.23
CA GLN B 84 -5.64 11.04 -37.37
C GLN B 84 -6.91 11.08 -36.50
N ILE B 85 -8.05 11.40 -37.11
CA ILE B 85 -9.30 11.46 -36.36
C ILE B 85 -9.74 10.06 -35.92
N GLU B 86 -9.73 9.12 -36.87
CA GLU B 86 -10.12 7.72 -36.64
C GLU B 86 -9.17 6.96 -35.69
N HIS B 87 -7.87 7.01 -35.96
CA HIS B 87 -6.89 6.35 -35.12
C HIS B 87 -7.09 6.73 -33.66
N THR B 88 -7.38 8.01 -33.41
CA THR B 88 -7.60 8.56 -32.08
C THR B 88 -8.87 8.04 -31.42
N LEU B 89 -9.97 8.10 -32.17
CA LEU B 89 -11.28 7.64 -31.70
C LEU B 89 -11.27 6.17 -31.32
N ASN B 90 -10.63 5.37 -32.17
CA ASN B 90 -10.49 3.95 -31.99
C ASN B 90 -9.65 3.63 -30.74
N GLU B 91 -8.53 4.35 -30.55
CA GLU B 91 -7.68 4.11 -29.37
C GLU B 91 -8.44 4.38 -28.09
N LYS B 92 -9.33 5.36 -28.11
CA LYS B 92 -10.09 5.66 -26.92
C LYS B 92 -11.22 4.64 -26.74
N ARG B 93 -11.78 4.13 -27.82
CA ARG B 93 -12.84 3.14 -27.69
C ARG B 93 -12.28 1.84 -27.14
N ILE B 94 -11.09 1.48 -27.59
CA ILE B 94 -10.55 0.24 -27.10
C ILE B 94 -10.23 0.37 -25.61
N LEU B 95 -9.42 1.36 -25.27
CA LEU B 95 -8.98 1.59 -23.89
C LEU B 95 -10.07 1.65 -22.85
N GLN B 96 -11.18 2.24 -23.25
CA GLN B 96 -12.34 2.38 -22.39
C GLN B 96 -13.08 1.05 -22.06
N ALA B 97 -13.10 0.11 -23.02
CA ALA B 97 -13.78 -1.19 -22.84
C ALA B 97 -12.91 -2.30 -22.25
N VAL B 98 -11.60 -2.16 -22.46
CA VAL B 98 -10.61 -3.12 -22.02
C VAL B 98 -10.34 -3.06 -20.51
N ASN B 99 -9.93 -4.18 -19.93
CA ASN B 99 -9.63 -4.22 -18.49
C ASN B 99 -8.81 -5.45 -18.10
N PHE B 100 -7.52 -5.25 -17.88
CA PHE B 100 -6.60 -6.35 -17.58
C PHE B 100 -5.36 -5.80 -16.87
N PRO B 101 -4.88 -6.54 -15.86
CA PRO B 101 -3.70 -6.19 -15.05
C PRO B 101 -2.48 -5.60 -15.75
N PHE B 102 -2.15 -6.08 -16.94
CA PHE B 102 -0.97 -5.55 -17.63
C PHE B 102 -1.25 -4.56 -18.76
N LEU B 103 -2.38 -3.87 -18.65
CA LEU B 103 -2.80 -2.87 -19.62
C LEU B 103 -3.02 -1.56 -18.86
N VAL B 104 -2.53 -0.45 -19.40
CA VAL B 104 -2.72 0.85 -18.75
C VAL B 104 -4.21 1.12 -18.60
N LYS B 105 -4.60 1.67 -17.46
CA LYS B 105 -6.01 1.98 -17.25
C LYS B 105 -6.36 3.39 -17.75
N LEU B 106 -7.47 3.51 -18.49
CA LEU B 106 -7.90 4.83 -18.94
C LEU B 106 -8.95 5.24 -17.91
N GLU B 107 -8.48 5.88 -16.85
CA GLU B 107 -9.30 6.32 -15.73
C GLU B 107 -10.44 7.30 -16.04
N PHE B 108 -10.16 8.31 -16.84
CA PHE B 108 -11.17 9.31 -17.17
C PHE B 108 -10.98 9.77 -18.60
N SER B 109 -12.07 10.26 -19.20
CA SER B 109 -12.05 10.75 -20.56
C SER B 109 -13.05 11.89 -20.64
N PHE B 110 -12.68 12.94 -21.35
CA PHE B 110 -13.57 14.08 -21.53
C PHE B 110 -13.07 15.03 -22.61
N LYS B 111 -13.88 16.05 -22.87
CA LYS B 111 -13.54 17.02 -23.90
C LYS B 111 -14.16 18.42 -23.69
N ASP B 112 -13.82 19.32 -24.62
CA ASP B 112 -14.32 20.69 -24.64
C ASP B 112 -14.29 21.24 -26.07
N ASN B 113 -14.07 22.54 -26.20
CA ASN B 113 -14.06 23.17 -27.52
C ASN B 113 -12.75 23.08 -28.29
N SER B 114 -11.63 23.01 -27.59
CA SER B 114 -10.32 22.95 -28.25
C SER B 114 -9.57 21.61 -28.26
N ASN B 115 -9.75 20.78 -27.25
CA ASN B 115 -9.04 19.51 -27.23
C ASN B 115 -9.68 18.33 -26.45
N LEU B 116 -9.14 17.14 -26.70
CA LEU B 116 -9.59 15.89 -26.07
C LEU B 116 -8.63 15.56 -24.93
N TYR B 117 -9.14 14.92 -23.88
CA TYR B 117 -8.30 14.57 -22.75
C TYR B 117 -8.44 13.10 -22.39
N MET B 118 -7.34 12.48 -22.02
CA MET B 118 -7.33 11.06 -21.62
C MET B 118 -6.53 10.88 -20.34
N VAL B 119 -7.24 10.60 -19.25
CA VAL B 119 -6.62 10.44 -17.94
C VAL B 119 -6.10 9.05 -17.64
N MET B 120 -4.80 8.85 -17.86
CA MET B 120 -4.19 7.54 -17.64
C MET B 120 -3.69 7.29 -16.23
N GLU B 121 -3.48 6.02 -15.92
CA GLU B 121 -2.93 5.60 -14.64
C GLU B 121 -1.46 5.95 -14.80
N TYR B 122 -0.90 6.68 -13.84
CA TYR B 122 0.50 7.10 -13.90
C TYR B 122 1.50 6.04 -13.45
N VAL B 123 2.49 5.80 -14.29
CA VAL B 123 3.54 4.84 -13.98
C VAL B 123 4.90 5.51 -14.04
N ALA B 124 5.58 5.42 -12.90
CA ALA B 124 6.90 5.99 -12.70
C ALA B 124 8.04 5.05 -13.06
N GLY B 125 7.82 3.75 -12.87
CA GLY B 125 8.83 2.74 -13.17
C GLY B 125 9.74 3.11 -14.33
N GLY B 126 9.30 2.81 -15.55
CA GLY B 126 10.11 3.16 -16.71
C GLY B 126 9.88 2.28 -17.90
N GLU B 127 10.35 2.72 -19.06
CA GLU B 127 10.21 1.97 -20.30
C GLU B 127 11.16 0.77 -20.32
N MET B 128 10.74 -0.32 -20.96
CA MET B 128 11.60 -1.49 -21.03
C MET B 128 12.86 -1.20 -21.84
N PHE B 129 12.71 -0.37 -22.88
CA PHE B 129 13.80 0.03 -23.76
C PHE B 129 14.96 0.56 -22.94
N SER B 130 14.62 1.47 -22.03
CA SER B 130 15.58 2.09 -21.12
C SER B 130 16.28 1.08 -20.20
N HIS B 131 15.52 0.39 -19.36
CA HIS B 131 16.11 -0.59 -18.45
C HIS B 131 16.91 -1.65 -19.23
N LEU B 132 16.56 -1.87 -20.49
CA LEU B 132 17.27 -2.84 -21.31
C LEU B 132 18.65 -2.33 -21.67
N ARG B 133 18.73 -1.07 -22.08
CA ARG B 133 20.01 -0.48 -22.46
C ARG B 133 20.90 -0.33 -21.22
N ARG B 134 20.28 -0.14 -20.06
CA ARG B 134 21.00 0.01 -18.79
C ARG B 134 21.54 -1.35 -18.32
N ILE B 135 20.65 -2.32 -18.13
CA ILE B 135 21.04 -3.64 -17.66
C ILE B 135 21.82 -4.43 -18.73
N GLY B 136 21.58 -4.14 -20.01
CA GLY B 136 22.26 -4.85 -21.08
C GLY B 136 21.42 -5.99 -21.61
N ARG B 137 21.44 -7.12 -20.92
CA ARG B 137 20.64 -8.28 -21.31
C ARG B 137 20.00 -8.82 -20.02
N PHE B 138 18.93 -9.60 -20.15
CA PHE B 138 18.25 -10.16 -18.99
C PHE B 138 18.51 -11.64 -18.83
N SER B 139 18.42 -12.10 -17.58
CA SER B 139 18.57 -13.51 -17.22
C SER B 139 17.40 -14.23 -17.89
N GLU B 140 17.59 -15.47 -18.34
CA GLU B 140 16.48 -16.15 -18.96
C GLU B 140 15.25 -16.19 -18.07
N PRO B 141 15.43 -16.49 -16.77
CA PRO B 141 14.29 -16.52 -15.84
C PRO B 141 13.68 -15.11 -15.64
N HIS B 142 14.46 -14.10 -16.01
CA HIS B 142 14.07 -12.70 -15.93
C HIS B 142 13.14 -12.36 -17.12
N ALA B 143 13.60 -12.65 -18.33
CA ALA B 143 12.84 -12.41 -19.55
C ALA B 143 11.57 -13.25 -19.53
N ARG B 144 11.70 -14.45 -18.98
CA ARG B 144 10.59 -15.39 -18.88
C ARG B 144 9.47 -14.75 -18.07
N PHE B 145 9.87 -14.02 -17.03
CA PHE B 145 8.93 -13.32 -16.17
C PHE B 145 8.12 -12.33 -16.98
N TYR B 146 8.81 -11.54 -17.81
CA TYR B 146 8.15 -10.56 -18.64
C TYR B 146 7.33 -11.20 -19.75
N ALA B 147 7.94 -12.15 -20.47
CA ALA B 147 7.27 -12.83 -21.54
C ALA B 147 5.96 -13.42 -21.07
N ALA B 148 5.96 -13.94 -19.86
CA ALA B 148 4.77 -14.54 -19.28
C ALA B 148 3.61 -13.53 -19.30
N GLN B 149 3.89 -12.33 -18.79
CA GLN B 149 2.89 -11.29 -18.75
C GLN B 149 2.39 -10.90 -20.13
N ILE B 150 3.30 -10.78 -21.10
CA ILE B 150 2.89 -10.44 -22.45
C ILE B 150 1.99 -11.55 -23.01
N VAL B 151 2.40 -12.81 -22.83
CA VAL B 151 1.65 -13.99 -23.31
C VAL B 151 0.24 -13.93 -22.76
N LEU B 152 0.11 -13.63 -21.47
CA LEU B 152 -1.20 -13.52 -20.86
C LEU B 152 -2.02 -12.43 -21.49
N THR B 153 -1.52 -11.20 -21.52
CA THR B 153 -2.29 -10.11 -22.11
C THR B 153 -2.70 -10.34 -23.58
N PHE B 154 -1.85 -11.03 -24.34
CA PHE B 154 -2.19 -11.27 -25.74
C PHE B 154 -3.30 -12.28 -25.80
N GLU B 155 -3.36 -13.15 -24.79
CA GLU B 155 -4.41 -14.16 -24.72
C GLU B 155 -5.69 -13.37 -24.42
N TYR B 156 -5.58 -12.40 -23.52
CA TYR B 156 -6.73 -11.59 -23.17
C TYR B 156 -7.20 -10.82 -24.39
N LEU B 157 -6.29 -10.02 -24.95
CA LEU B 157 -6.59 -9.21 -26.11
C LEU B 157 -7.20 -10.05 -27.23
N HIS B 158 -6.46 -11.05 -27.70
CA HIS B 158 -6.94 -11.89 -28.79
C HIS B 158 -8.32 -12.51 -28.56
N SER B 159 -8.65 -12.79 -27.31
CA SER B 159 -9.94 -13.38 -27.00
C SER B 159 -11.01 -12.36 -27.30
N LEU B 160 -10.60 -11.09 -27.39
CA LEU B 160 -11.52 -9.99 -27.69
C LEU B 160 -11.45 -9.58 -29.16
N ASP B 161 -10.70 -10.34 -29.95
CA ASP B 161 -10.51 -10.05 -31.38
C ASP B 161 -9.73 -8.76 -31.62
N LEU B 162 -8.81 -8.45 -30.71
CA LEU B 162 -8.00 -7.26 -30.82
C LEU B 162 -6.57 -7.61 -31.21
N ILE B 163 -6.10 -6.98 -32.29
CA ILE B 163 -4.73 -7.17 -32.72
C ILE B 163 -3.93 -5.97 -32.23
N TYR B 164 -2.98 -6.23 -31.33
CA TYR B 164 -2.17 -5.15 -30.76
C TYR B 164 -1.27 -4.52 -31.81
N ARG B 165 -0.62 -5.39 -32.58
CA ARG B 165 0.31 -5.02 -33.64
C ARG B 165 1.25 -3.84 -33.37
N ASP B 166 1.90 -3.84 -32.21
CA ASP B 166 2.81 -2.78 -31.86
C ASP B 166 3.66 -3.18 -30.65
N LEU B 167 3.89 -4.48 -30.51
CA LEU B 167 4.70 -4.93 -29.38
C LEU B 167 6.14 -4.54 -29.65
N LYS B 168 6.76 -3.90 -28.66
CA LYS B 168 8.15 -3.43 -28.68
C LYS B 168 8.48 -2.89 -27.27
N PRO B 169 9.76 -2.97 -26.85
CA PRO B 169 10.18 -2.48 -25.54
C PRO B 169 9.69 -1.11 -25.09
N GLU B 170 9.54 -0.16 -26.00
CA GLU B 170 9.05 1.17 -25.62
C GLU B 170 7.60 1.17 -25.08
N ASN B 171 6.75 0.31 -25.63
CA ASN B 171 5.36 0.24 -25.21
C ASN B 171 5.18 -0.54 -23.92
N LEU B 172 6.28 -1.00 -23.33
CA LEU B 172 6.21 -1.77 -22.10
C LEU B 172 6.79 -1.02 -20.89
N LEU B 173 5.92 -0.66 -19.94
CA LEU B 173 6.35 0.04 -18.73
C LEU B 173 6.47 -0.93 -17.55
N ILE B 174 7.25 -0.51 -16.56
CA ILE B 174 7.48 -1.32 -15.36
C ILE B 174 6.84 -0.73 -14.09
N ASP B 175 6.09 -1.58 -13.39
CA ASP B 175 5.41 -1.23 -12.14
C ASP B 175 6.34 -0.88 -11.00
N GLN B 176 5.77 -0.24 -9.98
CA GLN B 176 6.51 0.07 -8.77
C GLN B 176 6.44 -1.23 -7.97
N GLN B 177 5.96 -2.28 -8.63
CA GLN B 177 5.81 -3.62 -8.09
C GLN B 177 6.68 -4.54 -8.99
N GLY B 178 7.28 -3.96 -10.01
CA GLY B 178 8.14 -4.71 -10.92
C GLY B 178 7.50 -5.38 -12.12
N TYR B 179 6.16 -5.39 -12.18
CA TYR B 179 5.45 -6.01 -13.28
C TYR B 179 5.29 -5.10 -14.50
N ILE B 180 4.82 -5.70 -15.59
CA ILE B 180 4.61 -5.02 -16.87
C ILE B 180 3.28 -4.26 -16.97
N GLN B 181 3.24 -3.30 -17.88
CA GLN B 181 2.08 -2.47 -18.10
C GLN B 181 2.16 -2.07 -19.56
N VAL B 182 1.41 -2.74 -20.43
CA VAL B 182 1.43 -2.38 -21.83
C VAL B 182 0.74 -1.04 -22.00
N THR B 183 1.39 -0.13 -22.72
CA THR B 183 0.82 1.18 -22.94
C THR B 183 0.79 1.55 -24.43
N ASP B 184 0.04 2.61 -24.76
CA ASP B 184 -0.07 3.08 -26.14
C ASP B 184 -0.78 2.05 -27.02
N PHE B 185 -2.10 2.18 -27.09
CA PHE B 185 -2.94 1.29 -27.90
C PHE B 185 -3.33 1.97 -29.20
N GLY B 186 -2.47 2.85 -29.69
CA GLY B 186 -2.77 3.56 -30.91
C GLY B 186 -3.15 2.69 -32.09
N PHE B 187 -2.25 1.81 -32.50
CA PHE B 187 -2.48 0.94 -33.66
C PHE B 187 -3.30 -0.30 -33.41
N ALA B 188 -3.97 -0.40 -32.26
CA ALA B 188 -4.79 -1.57 -32.00
C ALA B 188 -6.09 -1.57 -32.81
N LYS B 189 -6.48 -2.74 -33.27
CA LYS B 189 -7.68 -2.89 -34.07
C LYS B 189 -8.52 -4.11 -33.67
N ARG B 190 -9.83 -3.96 -33.82
CA ARG B 190 -10.78 -5.03 -33.53
C ARG B 190 -10.99 -5.65 -34.89
N VAL B 191 -10.57 -6.90 -35.06
CA VAL B 191 -10.70 -7.59 -36.34
C VAL B 191 -10.96 -9.08 -36.19
N LYS B 192 -11.90 -9.60 -36.94
CA LYS B 192 -12.18 -11.03 -36.88
C LYS B 192 -11.17 -11.72 -37.78
N GLY B 193 -11.14 -11.29 -39.04
CA GLY B 193 -10.25 -11.89 -40.01
C GLY B 193 -8.89 -11.28 -40.17
N ARG B 194 -8.61 -10.85 -41.39
CA ARG B 194 -7.32 -10.28 -41.74
C ARG B 194 -7.39 -8.79 -42.04
N THR B 195 -6.25 -8.11 -41.91
CA THR B 195 -6.16 -6.69 -42.21
C THR B 195 -4.89 -6.43 -43.01
N TRP B 196 -4.75 -5.21 -43.51
CA TRP B 196 -3.60 -4.86 -44.34
C TRP B 196 -2.75 -3.65 -43.95
N TPO B 197 -3.29 -2.70 -43.18
CA TPO B 197 -2.52 -1.50 -42.78
CB TPO B 197 -3.29 -0.65 -41.73
CG2 TPO B 197 -2.72 0.74 -41.66
OG1 TPO B 197 -4.67 -0.60 -42.06
P TPO B 197 -5.78 -1.23 -41.05
O1P TPO B 197 -5.14 -2.49 -40.53
O2P TPO B 197 -6.05 -0.15 -39.99
O3P TPO B 197 -6.98 -1.52 -41.95
C TPO B 197 -1.11 -1.77 -42.21
O TPO B 197 -0.97 -2.48 -41.21
N LEU B 198 -0.08 -1.21 -42.82
CA LEU B 198 1.30 -1.42 -42.36
C LEU B 198 1.69 -0.30 -41.40
N CME B 199 2.19 -0.68 -40.23
CA CME B 199 2.61 0.25 -39.17
CB CME B 199 1.39 0.84 -38.46
SG CME B 199 0.20 -0.48 -37.78
SD CME B 199 -1.46 -0.17 -38.87
CE CME B 199 -2.40 1.15 -37.89
CZ CME B 199 -1.93 2.54 -38.22
OH CME B 199 -2.72 3.52 -37.55
C CME B 199 3.47 -0.46 -38.13
O CME B 199 3.53 -1.69 -38.09
N GLY B 200 4.07 0.31 -37.23
CA GLY B 200 4.91 -0.28 -36.20
C GLY B 200 6.37 -0.32 -36.60
N THR B 201 7.24 -0.47 -35.60
CA THR B 201 8.70 -0.50 -35.80
C THR B 201 9.22 -1.75 -36.49
N PRO B 202 9.85 -1.59 -37.67
CA PRO B 202 10.43 -2.62 -38.55
C PRO B 202 11.06 -3.89 -37.96
N GLU B 203 11.84 -3.79 -36.89
CA GLU B 203 12.44 -5.01 -36.33
C GLU B 203 11.46 -6.02 -35.72
N TYR B 204 10.23 -5.59 -35.48
CA TYR B 204 9.21 -6.47 -34.90
C TYR B 204 8.15 -6.85 -35.92
N LEU B 205 8.20 -6.21 -37.10
CA LEU B 205 7.25 -6.50 -38.18
C LEU B 205 7.50 -7.90 -38.68
N ALA B 206 6.43 -8.66 -38.79
CA ALA B 206 6.53 -10.03 -39.26
C ALA B 206 6.52 -10.04 -40.77
N PRO B 207 7.06 -11.10 -41.39
CA PRO B 207 7.12 -11.26 -42.83
C PRO B 207 5.82 -10.88 -43.55
N GLU B 208 4.69 -11.37 -43.03
CA GLU B 208 3.37 -11.07 -43.61
C GLU B 208 3.18 -9.58 -43.88
N ILE B 209 3.40 -8.77 -42.84
CA ILE B 209 3.23 -7.32 -42.94
C ILE B 209 4.14 -6.71 -43.97
N ILE B 210 5.41 -7.10 -43.93
CA ILE B 210 6.39 -6.57 -44.86
C ILE B 210 6.00 -6.92 -46.30
N LEU B 211 5.70 -8.19 -46.55
CA LEU B 211 5.30 -8.66 -47.87
C LEU B 211 3.89 -8.23 -48.24
N SER B 212 3.53 -7.01 -47.82
CA SER B 212 2.21 -6.39 -48.04
C SER B 212 1.05 -7.32 -48.35
N LYS B 213 1.04 -8.49 -47.73
CA LYS B 213 -0.02 -9.48 -47.92
C LYS B 213 -0.96 -9.33 -46.72
N GLY B 214 -1.98 -10.19 -46.64
CA GLY B 214 -2.90 -10.11 -45.52
C GLY B 214 -2.35 -10.73 -44.25
N TYR B 215 -2.52 -10.04 -43.12
CA TYR B 215 -2.06 -10.54 -41.82
C TYR B 215 -3.15 -10.58 -40.75
N ASN B 216 -2.88 -11.32 -39.69
CA ASN B 216 -3.82 -11.48 -38.59
C ASN B 216 -3.14 -11.40 -37.21
N LYS B 217 -3.87 -11.85 -36.18
CA LYS B 217 -3.40 -11.85 -34.79
C LYS B 217 -2.05 -12.53 -34.60
N ALA B 218 -1.63 -13.35 -35.57
CA ALA B 218 -0.34 -14.05 -35.50
C ALA B 218 0.85 -13.12 -35.52
N VAL B 219 0.62 -11.89 -35.95
CA VAL B 219 1.63 -10.87 -35.99
C VAL B 219 2.15 -10.57 -34.59
N ASP B 220 1.25 -10.67 -33.61
CA ASP B 220 1.61 -10.41 -32.23
C ASP B 220 2.49 -11.48 -31.65
N TRP B 221 2.30 -12.70 -32.12
CA TRP B 221 3.10 -13.81 -31.66
C TRP B 221 4.51 -13.73 -32.25
N TRP B 222 4.61 -13.34 -33.50
CA TRP B 222 5.91 -13.16 -34.12
C TRP B 222 6.64 -12.10 -33.31
N ALA B 223 6.02 -10.94 -33.11
CA ALA B 223 6.66 -9.88 -32.34
C ALA B 223 7.13 -10.35 -30.97
N LEU B 224 6.33 -11.19 -30.30
CA LEU B 224 6.66 -11.70 -28.97
C LEU B 224 8.01 -12.38 -29.06
N GLY B 225 8.23 -13.07 -30.18
CA GLY B 225 9.48 -13.76 -30.41
C GLY B 225 10.60 -12.76 -30.43
N VAL B 226 10.46 -11.77 -31.30
CA VAL B 226 11.45 -10.74 -31.45
C VAL B 226 11.72 -10.14 -30.08
N LEU B 227 10.66 -9.94 -29.30
CA LEU B 227 10.81 -9.34 -27.98
C LEU B 227 11.57 -10.22 -27.01
N ILE B 228 11.14 -11.47 -26.89
CA ILE B 228 11.83 -12.38 -25.97
C ILE B 228 13.29 -12.44 -26.37
N TYR B 229 13.53 -12.49 -27.69
CA TYR B 229 14.88 -12.57 -28.23
C TYR B 229 15.66 -11.37 -27.77
N GLU B 230 15.17 -10.18 -28.11
CA GLU B 230 15.84 -8.94 -27.75
C GLU B 230 16.14 -8.82 -26.26
N MET B 231 15.21 -9.29 -25.42
CA MET B 231 15.39 -9.23 -23.97
C MET B 231 16.58 -10.07 -23.50
N ALA B 232 16.62 -11.33 -23.93
CA ALA B 232 17.67 -12.26 -23.54
C ALA B 232 19.01 -11.99 -24.20
N ALA B 233 18.98 -11.55 -25.46
CA ALA B 233 20.18 -11.27 -26.23
C ALA B 233 20.75 -9.91 -25.92
N GLY B 234 19.90 -8.90 -25.90
CA GLY B 234 20.34 -7.54 -25.63
C GLY B 234 20.24 -6.70 -26.88
N TYR B 235 19.79 -7.33 -27.95
CA TYR B 235 19.65 -6.68 -29.25
C TYR B 235 18.65 -7.51 -30.05
N PRO B 236 17.88 -6.86 -30.95
CA PRO B 236 16.88 -7.53 -31.80
C PRO B 236 17.47 -8.55 -32.76
N PRO B 237 16.73 -9.63 -33.07
CA PRO B 237 17.18 -10.68 -33.99
C PRO B 237 17.38 -10.22 -35.42
N PHE B 238 16.66 -9.17 -35.81
CA PHE B 238 16.77 -8.65 -37.15
C PHE B 238 17.11 -7.20 -37.09
N PHE B 239 18.40 -6.95 -37.33
CA PHE B 239 18.93 -5.60 -37.26
C PHE B 239 19.61 -5.09 -38.52
N ALA B 240 19.49 -3.77 -38.69
CA ALA B 240 20.07 -3.03 -39.81
C ALA B 240 19.73 -1.55 -39.62
N ASP B 241 20.39 -0.68 -40.38
CA ASP B 241 20.13 0.76 -40.29
C ASP B 241 19.28 1.22 -41.47
N GLN B 242 19.29 0.41 -42.53
CA GLN B 242 18.53 0.67 -43.75
C GLN B 242 17.31 -0.26 -43.71
N PRO B 243 16.10 0.28 -43.43
CA PRO B 243 14.88 -0.53 -43.37
C PRO B 243 14.72 -1.52 -44.53
N ILE B 244 15.25 -1.17 -45.70
CA ILE B 244 15.20 -2.05 -46.86
C ILE B 244 15.99 -3.32 -46.58
N GLN B 245 16.94 -3.20 -45.65
CA GLN B 245 17.76 -4.35 -45.26
C GLN B 245 17.14 -5.11 -44.08
N ILE B 246 16.44 -4.41 -43.18
CA ILE B 246 15.79 -5.07 -42.04
C ILE B 246 14.70 -5.94 -42.65
N TYR B 247 13.91 -5.34 -43.53
CA TYR B 247 12.82 -6.02 -44.21
C TYR B 247 13.33 -7.31 -44.86
N GLU B 248 14.45 -7.21 -45.61
CA GLU B 248 15.02 -8.37 -46.30
C GLU B 248 15.45 -9.54 -45.38
N LYS B 249 16.24 -9.21 -44.35
CA LYS B 249 16.68 -10.23 -43.39
C LYS B 249 15.46 -10.83 -42.69
N ILE B 250 14.52 -9.97 -42.28
CA ILE B 250 13.26 -10.38 -41.63
C ILE B 250 12.58 -11.45 -42.47
N VAL B 251 12.36 -11.13 -43.75
CA VAL B 251 11.70 -12.02 -44.68
C VAL B 251 12.49 -13.30 -44.93
N SER B 252 13.82 -13.20 -44.89
CA SER B 252 14.71 -14.34 -45.09
C SER B 252 14.37 -15.42 -44.06
N GLY B 253 14.12 -14.97 -42.83
CA GLY B 253 13.76 -15.88 -41.75
C GLY B 253 14.90 -16.77 -41.32
N LYS B 254 16.04 -16.15 -41.03
CA LYS B 254 17.20 -16.90 -40.60
C LYS B 254 17.69 -16.23 -39.34
N VAL B 255 17.47 -16.91 -38.22
CA VAL B 255 17.86 -16.40 -36.91
C VAL B 255 19.12 -17.07 -36.41
N ARG B 256 20.04 -16.25 -35.92
CA ARG B 256 21.26 -16.77 -35.35
C ARG B 256 21.19 -16.46 -33.85
N PHE B 257 21.34 -17.47 -33.01
CA PHE B 257 21.27 -17.26 -31.56
C PHE B 257 22.61 -17.04 -30.87
N PRO B 258 22.68 -16.07 -29.93
CA PRO B 258 23.96 -15.87 -29.24
C PRO B 258 24.24 -17.15 -28.46
N SER B 259 25.49 -17.58 -28.48
CA SER B 259 25.91 -18.84 -27.82
C SER B 259 25.34 -19.22 -26.44
N HIS B 260 25.03 -18.24 -25.60
CA HIS B 260 24.50 -18.54 -24.28
C HIS B 260 23.01 -18.88 -24.21
N PHE B 261 22.30 -18.70 -25.31
CA PHE B 261 20.88 -19.01 -25.36
C PHE B 261 20.69 -20.49 -25.05
N SER B 262 19.77 -20.79 -24.14
CA SER B 262 19.50 -22.18 -23.80
C SER B 262 18.90 -22.91 -25.00
N SER B 263 18.90 -24.24 -24.95
CA SER B 263 18.37 -25.06 -26.02
C SER B 263 16.86 -24.86 -26.08
N ASP B 264 16.27 -24.62 -24.90
CA ASP B 264 14.83 -24.40 -24.75
C ASP B 264 14.39 -23.06 -25.33
N LEU B 265 15.19 -22.02 -25.09
CA LEU B 265 14.88 -20.70 -25.62
C LEU B 265 14.90 -20.75 -27.14
N LYS B 266 15.96 -21.34 -27.68
CA LYS B 266 16.14 -21.47 -29.13
C LYS B 266 14.92 -22.12 -29.80
N ASP B 267 14.41 -23.18 -29.18
CA ASP B 267 13.27 -23.91 -29.72
C ASP B 267 12.03 -23.03 -29.75
N LEU B 268 11.73 -22.41 -28.62
CA LEU B 268 10.58 -21.53 -28.51
C LEU B 268 10.65 -20.40 -29.52
N LEU B 269 11.82 -19.78 -29.64
CA LEU B 269 12.01 -18.67 -30.57
C LEU B 269 11.87 -19.10 -32.03
N ARG B 270 12.27 -20.34 -32.33
CA ARG B 270 12.19 -20.84 -33.70
C ARG B 270 10.75 -21.00 -34.18
N ASN B 271 9.90 -21.48 -33.29
CA ASN B 271 8.49 -21.64 -33.62
C ASN B 271 7.82 -20.25 -33.66
N LEU B 272 8.15 -19.39 -32.70
CA LEU B 272 7.54 -18.06 -32.72
C LEU B 272 8.00 -17.28 -33.95
N LEU B 273 9.29 -17.32 -34.22
CA LEU B 273 9.86 -16.62 -35.37
C LEU B 273 9.84 -17.52 -36.59
N GLN B 274 8.65 -17.92 -37.02
CA GLN B 274 8.53 -18.76 -38.21
C GLN B 274 7.76 -18.03 -39.28
N VAL B 275 8.42 -17.85 -40.44
CA VAL B 275 7.83 -17.16 -41.59
C VAL B 275 6.53 -17.81 -42.07
N ASP B 276 6.42 -19.10 -41.80
CA ASP B 276 5.26 -19.89 -42.20
C ASP B 276 4.09 -19.79 -41.22
N LEU B 277 3.04 -19.08 -41.61
CA LEU B 277 1.87 -18.94 -40.76
C LEU B 277 1.33 -20.31 -40.33
N THR B 278 1.42 -21.28 -41.24
CA THR B 278 0.93 -22.63 -41.01
C THR B 278 1.71 -23.37 -39.95
N LYS B 279 2.83 -22.79 -39.52
CA LYS B 279 3.68 -23.44 -38.52
C LYS B 279 4.03 -22.58 -37.29
N ARG B 280 3.58 -21.32 -37.29
CA ARG B 280 3.86 -20.41 -36.19
C ARG B 280 3.11 -20.70 -34.90
N PHE B 281 3.84 -20.80 -33.80
CA PHE B 281 3.24 -21.05 -32.49
C PHE B 281 2.30 -19.91 -32.13
N GLY B 282 1.06 -20.24 -31.80
CA GLY B 282 0.07 -19.23 -31.45
C GLY B 282 -1.04 -19.12 -32.47
N ASN B 283 -0.71 -19.42 -33.72
CA ASN B 283 -1.70 -19.35 -34.79
C ASN B 283 -2.24 -20.72 -35.03
N LEU B 284 -1.55 -21.73 -34.48
CA LEU B 284 -1.93 -23.13 -34.65
C LEU B 284 -3.25 -23.53 -33.98
N LYS B 285 -3.57 -24.82 -34.13
CA LYS B 285 -4.77 -25.42 -33.59
C LYS B 285 -4.90 -25.36 -32.07
N ASN B 286 -3.86 -25.79 -31.36
CA ASN B 286 -3.89 -25.76 -29.91
C ASN B 286 -3.81 -24.30 -29.40
N GLY B 287 -3.62 -23.38 -30.34
CA GLY B 287 -3.54 -21.96 -30.03
C GLY B 287 -2.43 -21.49 -29.10
N VAL B 288 -2.84 -20.76 -28.07
CA VAL B 288 -1.93 -20.18 -27.09
C VAL B 288 -1.17 -21.25 -26.33
N ASN B 289 -1.79 -22.40 -26.16
CA ASN B 289 -1.19 -23.48 -25.42
C ASN B 289 0.14 -24.03 -25.91
N ASP B 290 0.37 -23.99 -27.22
CA ASP B 290 1.64 -24.45 -27.74
C ASP B 290 2.77 -23.59 -27.11
N ILE B 291 2.41 -22.38 -26.67
CA ILE B 291 3.36 -21.46 -26.05
C ILE B 291 3.41 -21.62 -24.53
N LYS B 292 2.24 -21.60 -23.89
CA LYS B 292 2.18 -21.72 -22.43
C LYS B 292 2.74 -23.05 -21.92
N ASN B 293 2.62 -24.07 -22.76
CA ASN B 293 3.09 -25.38 -22.37
C ASN B 293 4.53 -25.66 -22.72
N HIS B 294 5.04 -25.02 -23.77
CA HIS B 294 6.43 -25.19 -24.21
C HIS B 294 7.41 -25.26 -23.06
N LYS B 295 8.41 -26.13 -23.24
CA LYS B 295 9.46 -26.38 -22.25
C LYS B 295 10.08 -25.15 -21.59
N TRP B 296 10.23 -24.06 -22.33
CA TRP B 296 10.84 -22.85 -21.79
C TRP B 296 10.04 -22.23 -20.65
N PHE B 297 8.72 -22.31 -20.75
CA PHE B 297 7.82 -21.75 -19.75
C PHE B 297 7.41 -22.76 -18.70
N ALA B 298 7.96 -23.96 -18.81
CA ALA B 298 7.66 -25.05 -17.88
C ALA B 298 7.77 -24.66 -16.40
N THR B 299 8.68 -23.73 -16.10
CA THR B 299 8.90 -23.29 -14.72
C THR B 299 7.96 -22.18 -14.28
N THR B 300 7.11 -21.71 -15.19
CA THR B 300 6.18 -20.62 -14.85
C THR B 300 4.76 -21.01 -14.44
N ASP B 301 4.30 -20.37 -13.36
CA ASP B 301 2.96 -20.57 -12.80
C ASP B 301 2.08 -19.43 -13.35
N TRP B 302 1.34 -19.75 -14.41
CA TRP B 302 0.50 -18.80 -15.11
C TRP B 302 -0.49 -18.03 -14.24
N ILE B 303 -1.10 -18.72 -13.28
CA ILE B 303 -2.07 -18.07 -12.40
C ILE B 303 -1.35 -17.17 -11.39
N ALA B 304 -0.13 -17.55 -11.02
CA ALA B 304 0.64 -16.77 -10.09
C ALA B 304 1.04 -15.46 -10.76
N ILE B 305 1.44 -15.55 -12.02
CA ILE B 305 1.84 -14.38 -12.77
C ILE B 305 0.64 -13.45 -12.85
N TYR B 306 -0.51 -13.99 -13.26
CA TYR B 306 -1.75 -13.23 -13.36
C TYR B 306 -2.14 -12.55 -12.03
N GLN B 307 -1.98 -13.27 -10.92
CA GLN B 307 -2.32 -12.76 -9.61
C GLN B 307 -1.26 -11.85 -9.01
N ARG B 308 -0.09 -11.80 -9.67
CA ARG B 308 1.02 -10.99 -9.20
C ARG B 308 1.64 -11.61 -7.95
N LYS B 309 1.62 -12.95 -7.89
CA LYS B 309 2.18 -13.64 -6.74
C LYS B 309 3.71 -13.80 -6.87
N VAL B 310 4.19 -14.11 -8.07
CA VAL B 310 5.63 -14.30 -8.31
C VAL B 310 6.46 -13.07 -7.93
N GLU B 311 7.69 -13.30 -7.48
CA GLU B 311 8.59 -12.22 -7.10
C GLU B 311 9.17 -11.52 -8.32
N ALA B 312 9.19 -10.19 -8.28
CA ALA B 312 9.72 -9.38 -9.37
C ALA B 312 11.24 -9.50 -9.53
N PRO B 313 11.73 -9.52 -10.78
CA PRO B 313 13.15 -9.63 -11.11
C PRO B 313 13.91 -8.45 -10.54
N PHE B 314 13.18 -7.36 -10.32
CA PHE B 314 13.73 -6.15 -9.74
C PHE B 314 12.61 -5.12 -9.66
N ILE B 315 12.78 -4.16 -8.76
CA ILE B 315 11.81 -3.09 -8.56
C ILE B 315 12.54 -1.77 -8.75
N PRO B 316 12.08 -0.96 -9.71
CA PRO B 316 12.70 0.34 -10.01
C PRO B 316 12.52 1.33 -8.85
N LYS B 317 13.53 2.18 -8.63
CA LYS B 317 13.51 3.18 -7.57
C LYS B 317 12.25 4.06 -7.61
N PHE B 318 11.64 4.27 -6.44
CA PHE B 318 10.42 5.06 -6.28
C PHE B 318 10.56 6.56 -6.63
N LYS B 319 11.00 6.84 -7.85
CA LYS B 319 11.20 8.21 -8.35
C LYS B 319 9.87 8.98 -8.48
N GLY B 320 9.74 10.05 -7.70
CA GLY B 320 8.51 10.86 -7.72
C GLY B 320 8.22 11.64 -9.00
N PRO B 321 8.06 12.95 -8.84
CA PRO B 321 7.77 13.84 -9.96
C PRO B 321 9.04 14.37 -10.62
N GLY B 322 9.72 13.52 -11.39
CA GLY B 322 10.94 13.92 -12.08
C GLY B 322 10.66 14.62 -13.41
N ASP B 323 11.43 15.67 -13.71
CA ASP B 323 11.26 16.43 -14.95
C ASP B 323 12.47 16.29 -15.91
N THR B 324 12.37 16.92 -17.08
CA THR B 324 13.40 16.90 -18.11
C THR B 324 13.10 17.93 -19.20
N ILE B 335 -4.67 25.02 -20.98
CA ILE B 335 -5.91 25.23 -20.23
C ILE B 335 -6.65 26.48 -20.74
N ARG B 336 -6.51 26.75 -22.03
CA ARG B 336 -7.15 27.90 -22.67
C ARG B 336 -8.29 27.41 -23.59
N VAL B 337 -9.48 27.26 -23.00
CA VAL B 337 -10.69 26.80 -23.68
C VAL B 337 -11.25 27.78 -24.72
N SEP B 338 -11.10 27.48 -26.02
CA SEP B 338 -11.64 28.37 -27.05
CB SEP B 338 -11.37 27.80 -28.45
OG SEP B 338 -12.19 28.46 -29.43
C SEP B 338 -13.15 28.64 -26.88
O SEP B 338 -13.85 27.85 -26.24
P SEP B 338 -11.72 29.86 -30.15
O1P SEP B 338 -10.42 29.53 -30.89
O2P SEP B 338 -12.86 30.25 -31.08
O3P SEP B 338 -11.50 30.84 -29.01
N ILE B 339 -13.62 29.74 -27.45
CA ILE B 339 -15.04 30.16 -27.36
C ILE B 339 -16.00 29.30 -28.18
N ASN B 340 -15.59 28.99 -29.42
CA ASN B 340 -16.40 28.18 -30.34
C ASN B 340 -15.82 26.75 -30.51
N GLU B 341 -16.72 25.76 -30.61
CA GLU B 341 -16.31 24.36 -30.78
C GLU B 341 -15.69 24.04 -32.13
N LYS B 342 -14.38 23.79 -32.11
CA LYS B 342 -13.62 23.44 -33.31
C LYS B 342 -13.71 21.92 -33.54
N CYS B 343 -13.89 21.53 -34.81
CA CYS B 343 -14.01 20.14 -35.22
C CYS B 343 -14.88 19.27 -34.29
N GLY B 344 -15.99 19.83 -33.83
CA GLY B 344 -16.90 19.12 -32.94
C GLY B 344 -17.67 18.01 -33.62
N LYS B 345 -18.04 18.26 -34.88
CA LYS B 345 -18.79 17.31 -35.70
C LYS B 345 -17.92 16.16 -36.22
N GLU B 346 -16.68 16.12 -35.76
CA GLU B 346 -15.75 15.07 -36.16
C GLU B 346 -15.49 14.15 -34.95
N PHE B 347 -15.37 14.75 -33.77
CA PHE B 347 -15.11 14.01 -32.53
C PHE B 347 -16.36 13.85 -31.67
N THR B 348 -17.47 13.53 -32.33
CA THR B 348 -18.75 13.35 -31.65
C THR B 348 -18.85 12.13 -30.71
N GLU B 349 -18.31 11.00 -31.15
CA GLU B 349 -18.37 9.78 -30.37
C GLU B 349 -17.55 9.77 -29.06
N PHE B 350 -16.42 10.50 -29.05
CA PHE B 350 -15.51 10.61 -27.88
C PHE B 350 -16.25 10.91 -26.55
C1 MPD C . 15.66 4.73 16.86
C2 MPD C . 15.06 5.65 17.92
O2 MPD C . 13.98 6.41 17.34
CM MPD C . 16.13 6.61 18.44
C3 MPD C . 14.53 4.80 19.08
C4 MPD C . 13.43 3.77 18.75
O4 MPD C . 13.99 2.77 17.89
C5 MPD C . 12.87 3.13 20.03
C1 MPD D . -7.71 -17.88 -15.64
C2 MPD D . -6.74 -16.76 -15.24
O2 MPD D . -5.45 -17.32 -14.95
CM MPD D . -7.28 -16.05 -14.00
C3 MPD D . -6.59 -15.74 -16.40
C4 MPD D . -5.97 -16.20 -17.72
O4 MPD D . -6.74 -17.25 -18.30
C5 MPD D . -5.89 -15.04 -18.71
#